data_9D3Q
#
_entry.id   9D3Q
#
_cell.length_a   1.00
_cell.length_b   1.00
_cell.length_c   1.00
_cell.angle_alpha   90.00
_cell.angle_beta   90.00
_cell.angle_gamma   90.00
#
_symmetry.space_group_name_H-M   'P 1'
#
loop_
_entity.id
_entity.type
_entity.pdbx_description
1 polymer 'Histone H3.2'
2 polymer 'Histone H4'
3 polymer 'Histone H2A type 2-A'
4 polymer 'Histone H2B type 1-M'
5 polymer '5S rDNA (noncoding strand)'
6 polymer '5S rDNA (coding strand)'
#
loop_
_entity_poly.entity_id
_entity_poly.type
_entity_poly.pdbx_seq_one_letter_code
_entity_poly.pdbx_strand_id
1 'polypeptide(L)'
;RYRPGTVALREIRRYQKSTELLIRKLPFQRLVREIAQDFKTDLRFQSSAVMALQEASEAYLVGLFEDTNLCAIHAKRVTI
MPKDIQLARRIRGERA
;
A,E
2 'polypeptide(L)'
;LRDNIQGITKPAIRRLARRGGVKRISGLIYEETRGVLKVFLENVIRDAVTYTEHAKRKTVTAMDVVYALKRQGRTLYGFG
G
;
B,F
3 'polypeptide(L)'
;AKAKSRSSRAGLQFPVGRVHRLLRKGNYAERVGAGAPVYMAAVLEYLTAEILELAGNAARDNKKTRIIPRHLQLAIRNDE
ELNKLLGKVTIAQGG
;
C,G
4 'polypeptide(L)'
;SRKESYSVYVYKVLKQVHPDTGISSKAMGIMNSFVNDIFERIAGEASRLAHYNKRSTITSREIQTAVRLLLPGELAKHAV
SEGTKAVTKYTSSK
;
D,H
5 'polydeoxyribonucleotide'
;(DT)(DG)(DG)(DG)(DG)(DG)(DA)(DA)(DA)(DA)(DG)(DA)(DC)(DC)(DC)(DT)(DG)(DG)(DC)(DA)
(DT)(DG)(DG)(DG)(DG)(DA)(DG)(DG)(DA)(DG)(DC)(DT)(DG)(DG)(DG)(DC)(DC)(DC)(DC)(DC)
(DC)(DC)(DC)(DA)(DG)(DA)(DA)(DG)(DG)(DC)(DA)(DG)(DC)(DA)(DC)(DA)(DA)(DG)(DG)(DG)
(DG)(DA)(DG)(DG)(DA)(DA)(DA)(DA)(DG)(DT)(DC)(DA)(DG)(DC)(DC)(DT)(DT)(DG)(DT)(DG)
(DC)(DT)(DC)(DG)(DC)(DC)(DT)(DA)(DC)(DG)(DG)(DC)(DC)(DA)(DT)(DA)(DC)(DC)(DA)(DC)
(DC)(DC)(DT)(DG)(DA)(DA)(DA)(DG)(DT)
;
I
6 'polydeoxyribonucleotide'
;(DA)(DC)(DT)(DT)(DT)(DC)(DA)(DG)(DG)(DG)(DT)(DG)(DG)(DT)(DA)(DT)(DG)(DG)(DC)(DC)
(DG)(DT)(DA)(DG)(DG)(DC)(DG)(DA)(DG)(DC)(DA)(DC)(DA)(DA)(DG)(DG)(DC)(DT)(DG)(DA)
(DC)(DT)(DT)(DT)(DT)(DC)(DC)(DT)(DC)(DC)(DC)(DC)(DT)(DT)(DG)(DT)(DG)(DC)(DT)(DG)
(DC)(DC)(DT)(DT)(DC)(DT)(DG)(DG)(DG)(DG)(DG)(DG)(DG)(DG)(DC)(DC)(DC)(DA)(DG)(DC)
(DT)(DC)(DC)(DT)(DC)(DC)(DC)(DC)(DA)(DT)(DG)(DC)(DC)(DA)(DG)(DG)(DG)(DT)(DC)(DT)
(DT)(DT)(DT)(DC)(DC)(DC)(DC)(DC)(DA)
;
J
#
loop_
_chem_comp.id
_chem_comp.type
_chem_comp.name
_chem_comp.formula
DA DNA linking 2'-DEOXYADENOSINE-5'-MONOPHOSPHATE 'C10 H14 N5 O6 P'
DC DNA linking 2'-DEOXYCYTIDINE-5'-MONOPHOSPHATE 'C9 H14 N3 O7 P'
DG DNA linking 2'-DEOXYGUANOSINE-5'-MONOPHOSPHATE 'C10 H14 N5 O7 P'
DT DNA linking THYMIDINE-5'-MONOPHOSPHATE 'C10 H15 N2 O8 P'
#
# COMPACT_ATOMS: atom_id res chain seq x y z
N PRO A 4 -14.72 -35.04 -21.16
CA PRO A 4 -14.73 -33.63 -20.78
C PRO A 4 -13.99 -33.36 -19.48
N GLY A 5 -12.80 -32.78 -19.57
CA GLY A 5 -12.01 -32.47 -18.39
C GLY A 5 -10.54 -32.83 -18.53
N THR A 6 -10.25 -33.91 -19.25
CA THR A 6 -8.85 -34.28 -19.46
C THR A 6 -8.16 -33.29 -20.39
N VAL A 7 -8.88 -32.75 -21.37
CA VAL A 7 -8.33 -31.70 -22.21
C VAL A 7 -8.18 -30.42 -21.40
N ALA A 8 -9.09 -30.17 -20.45
CA ALA A 8 -8.95 -29.02 -19.56
C ALA A 8 -7.67 -29.13 -18.73
N LEU A 9 -7.39 -30.33 -18.20
CA LEU A 9 -6.14 -30.53 -17.46
C LEU A 9 -4.92 -30.38 -18.36
N ARG A 10 -4.99 -30.93 -19.58
CA ARG A 10 -3.89 -30.83 -20.54
C ARG A 10 -3.92 -29.51 -21.31
N GLU A 11 -4.68 -28.54 -20.78
CA GLU A 11 -4.66 -27.17 -21.27
C GLU A 11 -4.12 -26.28 -20.16
N ILE A 12 -4.52 -26.60 -18.93
CA ILE A 12 -3.92 -25.97 -17.76
C ILE A 12 -2.43 -26.25 -17.71
N ARG A 13 -2.04 -27.51 -17.93
CA ARG A 13 -0.62 -27.87 -17.89
C ARG A 13 0.18 -27.22 -19.01
N ARG A 14 -0.48 -26.82 -20.10
CA ARG A 14 0.23 -26.21 -21.20
C ARG A 14 0.35 -24.69 -20.99
N TYR A 15 -0.74 -24.04 -20.59
CA TYR A 15 -0.71 -22.59 -20.44
C TYR A 15 -0.22 -22.14 -19.07
N GLN A 16 0.09 -23.05 -18.16
CA GLN A 16 0.83 -22.67 -16.96
C GLN A 16 2.33 -22.79 -17.13
N LYS A 17 2.78 -23.56 -18.11
CA LYS A 17 4.21 -23.74 -18.38
C LYS A 17 4.78 -22.70 -19.34
N SER A 18 3.95 -22.10 -20.20
CA SER A 18 4.40 -21.12 -21.17
C SER A 18 4.29 -19.72 -20.58
N THR A 19 5.02 -18.79 -21.19
CA THR A 19 5.05 -17.40 -20.73
C THR A 19 4.48 -16.40 -21.72
N GLU A 20 4.09 -16.83 -22.92
CA GLU A 20 3.62 -15.91 -23.95
C GLU A 20 2.29 -15.26 -23.56
N LEU A 21 1.97 -14.14 -24.20
CA LEU A 21 0.72 -13.45 -23.94
C LEU A 21 -0.45 -14.24 -24.50
N LEU A 22 -1.57 -14.24 -23.77
CA LEU A 22 -2.74 -15.02 -24.12
C LEU A 22 -3.76 -14.24 -24.93
N ILE A 23 -3.71 -12.91 -24.90
CA ILE A 23 -4.65 -12.07 -25.62
C ILE A 23 -3.96 -11.53 -26.87
N ARG A 24 -4.74 -11.36 -27.94
CA ARG A 24 -4.16 -10.91 -29.21
C ARG A 24 -3.79 -9.44 -29.15
N LYS A 25 -2.59 -9.14 -29.64
CA LYS A 25 -1.98 -7.83 -29.47
C LYS A 25 -2.79 -6.73 -30.17
N LEU A 26 -3.28 -7.00 -31.39
CA LEU A 26 -3.99 -5.95 -32.12
C LEU A 26 -5.31 -5.58 -31.44
N PRO A 27 -6.21 -6.51 -31.09
CA PRO A 27 -7.41 -6.11 -30.34
C PRO A 27 -7.10 -5.53 -28.97
N PHE A 28 -6.06 -6.00 -28.29
CA PHE A 28 -5.72 -5.36 -27.02
C PHE A 28 -5.30 -3.90 -27.23
N GLN A 29 -4.50 -3.64 -28.28
CA GLN A 29 -4.11 -2.27 -28.60
C GLN A 29 -5.33 -1.41 -28.91
N ARG A 30 -6.25 -1.94 -29.72
CA ARG A 30 -7.44 -1.17 -30.05
C ARG A 30 -8.30 -0.88 -28.84
N LEU A 31 -8.45 -1.86 -27.94
CA LEU A 31 -9.19 -1.64 -26.71
C LEU A 31 -8.52 -0.62 -25.80
N VAL A 32 -7.19 -0.68 -25.68
CA VAL A 32 -6.48 0.29 -24.85
C VAL A 32 -6.65 1.70 -25.40
N ARG A 33 -6.53 1.87 -26.72
CA ARG A 33 -6.74 3.18 -27.32
C ARG A 33 -8.18 3.65 -27.20
N GLU A 34 -9.16 2.75 -27.33
CA GLU A 34 -10.56 3.12 -27.12
C GLU A 34 -10.79 3.60 -25.69
N ILE A 35 -10.17 2.94 -24.71
CA ILE A 35 -10.31 3.39 -23.33
C ILE A 35 -9.65 4.75 -23.13
N ALA A 36 -8.45 4.94 -23.68
CA ALA A 36 -7.74 6.20 -23.53
C ALA A 36 -8.42 7.35 -24.26
N GLN A 37 -9.25 7.07 -25.26
CA GLN A 37 -9.97 8.11 -25.96
C GLN A 37 -10.93 8.88 -25.06
N ASP A 38 -11.48 8.22 -24.04
CA ASP A 38 -12.37 8.87 -23.10
C ASP A 38 -11.63 9.72 -22.08
N PHE A 39 -10.30 9.63 -22.04
CA PHE A 39 -9.49 10.45 -21.16
C PHE A 39 -8.78 11.58 -21.89
N LYS A 40 -8.29 11.35 -23.10
CA LYS A 40 -7.71 12.45 -23.87
C LYS A 40 -7.80 12.12 -25.36
N THR A 41 -8.27 13.08 -26.16
CA THR A 41 -8.37 12.90 -27.59
C THR A 41 -7.00 13.04 -28.25
N ASP A 42 -6.80 12.26 -29.32
CA ASP A 42 -5.57 12.28 -30.11
C ASP A 42 -4.35 11.95 -29.24
N LEU A 43 -4.37 10.77 -28.65
CA LEU A 43 -3.27 10.27 -27.84
C LEU A 43 -2.43 9.30 -28.65
N ARG A 44 -1.12 9.46 -28.57
CA ARG A 44 -0.18 8.49 -29.12
C ARG A 44 0.22 7.51 -28.03
N PHE A 45 0.66 6.32 -28.46
CA PHE A 45 0.99 5.26 -27.52
C PHE A 45 2.29 4.60 -27.96
N GLN A 46 3.21 4.46 -27.01
CA GLN A 46 4.41 3.67 -27.27
C GLN A 46 4.07 2.18 -27.30
N SER A 47 4.77 1.46 -28.19
CA SER A 47 4.59 0.02 -28.26
C SER A 47 4.96 -0.65 -26.94
N SER A 48 6.03 -0.18 -26.30
CA SER A 48 6.40 -0.68 -24.98
C SER A 48 5.33 -0.35 -23.94
N ALA A 49 4.69 0.81 -24.02
CA ALA A 49 3.61 1.14 -23.08
C ALA A 49 2.43 0.20 -23.25
N VAL A 50 2.01 -0.05 -24.49
CA VAL A 50 0.90 -0.98 -24.71
C VAL A 50 1.28 -2.39 -24.26
N MET A 51 2.53 -2.80 -24.52
CA MET A 51 2.95 -4.13 -24.09
C MET A 51 2.95 -4.24 -22.57
N ALA A 52 3.41 -3.21 -21.87
CA ALA A 52 3.38 -3.23 -20.41
C ALA A 52 1.95 -3.29 -19.89
N LEU A 53 1.05 -2.54 -20.51
CA LEU A 53 -0.37 -2.65 -20.15
C LEU A 53 -0.86 -4.07 -20.33
N GLN A 54 -0.46 -4.72 -21.43
CA GLN A 54 -0.91 -6.09 -21.68
C GLN A 54 -0.37 -7.06 -20.63
N GLU A 55 0.91 -6.96 -20.30
CA GLU A 55 1.46 -7.84 -19.27
C GLU A 55 0.79 -7.63 -17.93
N ALA A 56 0.58 -6.38 -17.52
CA ALA A 56 -0.09 -6.11 -16.25
C ALA A 56 -1.52 -6.63 -16.25
N SER A 57 -2.26 -6.42 -17.34
CA SER A 57 -3.64 -6.89 -17.40
C SER A 57 -3.70 -8.42 -17.35
N GLU A 58 -2.81 -9.09 -18.06
CA GLU A 58 -2.83 -10.55 -18.06
C GLU A 58 -2.47 -11.11 -16.69
N ALA A 59 -1.47 -10.52 -16.03
CA ALA A 59 -1.13 -10.97 -14.68
C ALA A 59 -2.29 -10.74 -13.72
N TYR A 60 -2.94 -9.58 -13.83
CA TYR A 60 -4.08 -9.28 -12.99
C TYR A 60 -5.20 -10.30 -13.19
N LEU A 61 -5.52 -10.60 -14.44
CA LEU A 61 -6.59 -11.57 -14.72
C LEU A 61 -6.21 -12.98 -14.29
N VAL A 62 -4.95 -13.37 -14.40
CA VAL A 62 -4.55 -14.69 -13.94
C VAL A 62 -4.70 -14.79 -12.41
N GLY A 63 -4.26 -13.77 -11.68
CA GLY A 63 -4.47 -13.77 -10.24
C GLY A 63 -5.94 -13.77 -9.85
N LEU A 64 -6.75 -12.98 -10.56
CA LEU A 64 -8.18 -12.96 -10.31
C LEU A 64 -8.80 -14.32 -10.56
N PHE A 65 -8.38 -15.02 -11.61
CA PHE A 65 -8.89 -16.35 -11.88
C PHE A 65 -8.42 -17.38 -10.87
N GLU A 66 -7.22 -17.23 -10.32
CA GLU A 66 -6.81 -18.09 -9.21
C GLU A 66 -7.72 -17.91 -8.00
N ASP A 67 -7.98 -16.66 -7.62
CA ASP A 67 -8.91 -16.41 -6.51
C ASP A 67 -10.32 -16.89 -6.83
N THR A 68 -10.75 -16.74 -8.08
CA THR A 68 -12.06 -17.22 -8.49
C THR A 68 -12.16 -18.73 -8.38
N ASN A 69 -11.09 -19.44 -8.78
CA ASN A 69 -11.07 -20.89 -8.63
C ASN A 69 -11.13 -21.29 -7.17
N LEU A 70 -10.42 -20.56 -6.31
CA LEU A 70 -10.52 -20.83 -4.87
C LEU A 70 -11.95 -20.65 -4.37
N CYS A 71 -12.62 -19.56 -4.79
CA CYS A 71 -14.01 -19.35 -4.43
C CYS A 71 -14.90 -20.47 -4.95
N ALA A 72 -14.62 -20.98 -6.15
CA ALA A 72 -15.43 -22.04 -6.73
C ALA A 72 -15.28 -23.36 -5.95
N ILE A 73 -14.04 -23.73 -5.61
CA ILE A 73 -13.84 -24.91 -4.78
C ILE A 73 -14.42 -24.73 -3.40
N HIS A 74 -14.51 -23.48 -2.91
CA HIS A 74 -15.14 -23.24 -1.61
C HIS A 74 -16.60 -23.68 -1.62
N ALA A 75 -17.32 -23.41 -2.71
CA ALA A 75 -18.74 -23.74 -2.81
C ALA A 75 -18.97 -25.16 -3.34
N LYS A 76 -17.98 -26.04 -3.22
CA LYS A 76 -18.10 -27.44 -3.68
C LYS A 76 -18.44 -27.50 -5.16
N ARG A 77 -17.64 -26.81 -5.98
CA ARG A 77 -17.86 -26.75 -7.41
C ARG A 77 -16.52 -26.74 -8.12
N VAL A 78 -16.54 -27.17 -9.38
CA VAL A 78 -15.38 -27.04 -10.26
C VAL A 78 -15.59 -25.97 -11.33
N THR A 79 -16.82 -25.50 -11.54
CA THR A 79 -17.11 -24.48 -12.53
C THR A 79 -17.11 -23.11 -11.87
N ILE A 80 -16.36 -22.18 -12.45
CA ILE A 80 -16.31 -20.81 -11.96
C ILE A 80 -17.48 -20.04 -12.55
N MET A 81 -18.11 -19.22 -11.72
CA MET A 81 -19.30 -18.45 -12.06
C MET A 81 -19.07 -17.00 -11.68
N PRO A 82 -19.87 -16.08 -12.24
CA PRO A 82 -19.68 -14.65 -11.90
C PRO A 82 -19.78 -14.35 -10.42
N LYS A 83 -20.53 -15.15 -9.67
CA LYS A 83 -20.57 -14.97 -8.22
C LYS A 83 -19.19 -15.18 -7.59
N ASP A 84 -18.42 -16.15 -8.10
CA ASP A 84 -17.07 -16.36 -7.60
C ASP A 84 -16.17 -15.16 -7.87
N ILE A 85 -16.23 -14.60 -9.09
CA ILE A 85 -15.44 -13.41 -9.40
C ILE A 85 -15.84 -12.24 -8.52
N GLN A 86 -17.15 -12.04 -8.34
CA GLN A 86 -17.62 -10.95 -7.48
C GLN A 86 -17.18 -11.12 -6.03
N LEU A 87 -17.25 -12.34 -5.48
CA LEU A 87 -16.78 -12.56 -4.12
C LEU A 87 -15.28 -12.34 -4.00
N ALA A 88 -14.50 -12.84 -4.96
CA ALA A 88 -13.06 -12.65 -4.92
C ALA A 88 -12.70 -11.17 -4.95
N ARG A 89 -13.35 -10.41 -5.83
CA ARG A 89 -13.11 -8.98 -5.92
C ARG A 89 -13.55 -8.23 -4.68
N ARG A 90 -14.68 -8.59 -4.09
CA ARG A 90 -15.13 -7.94 -2.86
C ARG A 90 -14.17 -8.20 -1.71
N ILE A 91 -13.70 -9.44 -1.57
CA ILE A 91 -12.76 -9.74 -0.48
C ILE A 91 -11.43 -9.06 -0.72
N ARG A 92 -10.98 -9.01 -1.98
CA ARG A 92 -9.75 -8.27 -2.28
C ARG A 92 -9.90 -6.78 -2.00
N GLY A 93 -11.10 -6.25 -2.15
CA GLY A 93 -11.37 -4.85 -1.90
C GLY A 93 -11.59 -4.00 -3.14
N GLU A 94 -11.99 -4.59 -4.26
CA GLU A 94 -12.18 -3.84 -5.49
C GLU A 94 -13.67 -3.58 -5.75
N LEU B 1 -12.42 3.82 -31.90
CA LEU B 1 -13.84 3.88 -32.20
C LEU B 1 -14.67 3.29 -31.06
N ARG B 2 -15.46 2.26 -31.37
CA ARG B 2 -16.33 1.63 -30.39
C ARG B 2 -16.38 0.13 -30.64
N ASP B 3 -16.85 -0.59 -29.62
CA ASP B 3 -17.01 -2.05 -29.66
C ASP B 3 -15.68 -2.74 -29.93
N ASN B 4 -14.73 -2.54 -29.01
CA ASN B 4 -13.46 -3.24 -29.04
C ASN B 4 -13.22 -4.09 -27.81
N ILE B 5 -14.13 -4.06 -26.83
CA ILE B 5 -14.02 -4.94 -25.67
C ILE B 5 -14.17 -6.39 -26.09
N GLN B 6 -14.90 -6.65 -27.18
CA GLN B 6 -15.06 -8.00 -27.68
C GLN B 6 -13.77 -8.56 -28.27
N GLY B 7 -12.75 -7.72 -28.48
CA GLY B 7 -11.47 -8.20 -28.94
C GLY B 7 -10.80 -9.16 -27.98
N ILE B 8 -11.17 -9.11 -26.70
CA ILE B 8 -10.75 -10.11 -25.73
C ILE B 8 -11.70 -11.29 -25.91
N THR B 9 -11.36 -12.19 -26.83
CA THR B 9 -12.28 -13.22 -27.26
C THR B 9 -12.49 -14.27 -26.18
N LYS B 10 -13.51 -15.10 -26.38
CA LYS B 10 -13.76 -16.20 -25.48
C LYS B 10 -12.59 -17.17 -25.37
N PRO B 11 -11.94 -17.60 -26.46
CA PRO B 11 -10.75 -18.46 -26.30
C PRO B 11 -9.63 -17.82 -25.48
N ALA B 12 -9.42 -16.51 -25.62
CA ALA B 12 -8.39 -15.86 -24.82
C ALA B 12 -8.74 -15.90 -23.34
N ILE B 13 -10.01 -15.67 -23.01
CA ILE B 13 -10.44 -15.75 -21.61
C ILE B 13 -10.30 -17.17 -21.09
N ARG B 14 -10.62 -18.17 -21.90
CA ARG B 14 -10.41 -19.56 -21.47
C ARG B 14 -8.94 -19.86 -21.25
N ARG B 15 -8.05 -19.37 -22.11
CA ARG B 15 -6.63 -19.56 -21.91
C ARG B 15 -6.14 -18.90 -20.62
N LEU B 16 -6.60 -17.68 -20.35
CA LEU B 16 -6.24 -17.02 -19.10
C LEU B 16 -6.76 -17.77 -17.88
N ALA B 17 -7.99 -18.28 -17.95
CA ALA B 17 -8.54 -19.06 -16.84
C ALA B 17 -7.76 -20.35 -16.64
N ARG B 18 -7.39 -21.03 -17.73
CA ARG B 18 -6.61 -22.25 -17.61
C ARG B 18 -5.23 -21.97 -17.03
N ARG B 19 -4.63 -20.83 -17.37
CA ARG B 19 -3.41 -20.41 -16.70
C ARG B 19 -3.65 -20.17 -15.22
N GLY B 20 -4.81 -19.60 -14.86
CA GLY B 20 -5.14 -19.45 -13.46
C GLY B 20 -5.29 -20.78 -12.75
N GLY B 21 -5.83 -21.78 -13.44
CA GLY B 21 -6.00 -23.10 -12.86
C GLY B 21 -7.42 -23.58 -12.94
N VAL B 22 -8.26 -22.86 -13.70
CA VAL B 22 -9.68 -23.17 -13.77
C VAL B 22 -9.90 -24.40 -14.64
N LYS B 23 -10.76 -25.30 -14.17
CA LYS B 23 -11.08 -26.53 -14.88
C LYS B 23 -12.29 -26.38 -15.80
N ARG B 24 -13.38 -25.81 -15.29
CA ARG B 24 -14.58 -25.57 -16.08
C ARG B 24 -15.03 -24.12 -15.90
N ILE B 25 -15.61 -23.57 -16.96
CA ILE B 25 -15.93 -22.15 -17.03
C ILE B 25 -17.40 -21.99 -17.42
N SER B 26 -18.13 -21.15 -16.69
CA SER B 26 -19.51 -20.85 -17.02
C SER B 26 -19.59 -19.85 -18.17
N GLY B 27 -20.78 -19.73 -18.74
CA GLY B 27 -20.96 -18.91 -19.95
C GLY B 27 -20.92 -17.42 -19.72
N LEU B 28 -21.30 -16.95 -18.54
CA LEU B 28 -21.30 -15.51 -18.23
C LEU B 28 -19.94 -15.04 -17.73
N ILE B 29 -19.02 -15.97 -17.51
CA ILE B 29 -17.68 -15.60 -17.05
C ILE B 29 -17.00 -14.70 -18.09
N TYR B 30 -17.30 -14.90 -19.37
CA TYR B 30 -16.65 -14.12 -20.41
C TYR B 30 -17.03 -12.65 -20.31
N GLU B 31 -18.33 -12.35 -20.22
CA GLU B 31 -18.78 -10.98 -20.04
C GLU B 31 -18.32 -10.37 -18.72
N GLU B 32 -18.37 -11.14 -17.62
CA GLU B 32 -17.88 -10.60 -16.35
C GLU B 32 -16.39 -10.27 -16.41
N THR B 33 -15.59 -11.14 -17.02
CA THR B 33 -14.16 -10.89 -17.16
C THR B 33 -13.88 -9.71 -18.07
N ARG B 34 -14.66 -9.55 -19.14
CA ARG B 34 -14.52 -8.37 -19.97
C ARG B 34 -14.81 -7.08 -19.21
N GLY B 35 -15.86 -7.06 -18.39
CA GLY B 35 -16.13 -5.90 -17.55
C GLY B 35 -15.01 -5.62 -16.56
N VAL B 36 -14.50 -6.67 -15.93
CA VAL B 36 -13.41 -6.53 -14.97
C VAL B 36 -12.15 -5.98 -15.64
N LEU B 37 -11.78 -6.54 -16.80
CA LEU B 37 -10.63 -6.06 -17.54
C LEU B 37 -10.81 -4.61 -17.95
N LYS B 38 -12.02 -4.26 -18.39
CA LYS B 38 -12.28 -2.88 -18.76
C LYS B 38 -12.07 -1.93 -17.59
N VAL B 39 -12.58 -2.31 -16.41
CA VAL B 39 -12.43 -1.44 -15.24
C VAL B 39 -10.96 -1.29 -14.88
N PHE B 40 -10.21 -2.39 -14.86
CA PHE B 40 -8.79 -2.33 -14.53
C PHE B 40 -8.04 -1.44 -15.52
N LEU B 41 -8.32 -1.61 -16.81
CA LEU B 41 -7.63 -0.83 -17.83
C LEU B 41 -7.98 0.65 -17.72
N GLU B 42 -9.25 0.97 -17.44
CA GLU B 42 -9.60 2.38 -17.27
C GLU B 42 -8.85 2.99 -16.09
N ASN B 43 -8.75 2.28 -14.97
CA ASN B 43 -8.00 2.82 -13.83
C ASN B 43 -6.54 3.08 -14.20
N VAL B 44 -5.87 2.05 -14.74
CA VAL B 44 -4.46 2.18 -15.05
C VAL B 44 -4.22 3.25 -16.10
N ILE B 45 -5.06 3.28 -17.14
CA ILE B 45 -4.87 4.24 -18.22
C ILE B 45 -5.15 5.65 -17.75
N ARG B 46 -6.14 5.84 -16.86
CA ARG B 46 -6.39 7.16 -16.31
C ARG B 46 -5.16 7.66 -15.55
N ASP B 47 -4.59 6.81 -14.70
CA ASP B 47 -3.39 7.23 -13.97
C ASP B 47 -2.23 7.52 -14.93
N ALA B 48 -2.02 6.66 -15.93
CA ALA B 48 -0.92 6.85 -16.87
C ALA B 48 -1.09 8.12 -17.69
N VAL B 49 -2.32 8.41 -18.12
CA VAL B 49 -2.58 9.63 -18.89
C VAL B 49 -2.45 10.87 -18.02
N THR B 50 -2.82 10.81 -16.75
CA THR B 50 -2.54 11.94 -15.86
C THR B 50 -1.04 12.17 -15.75
N TYR B 51 -0.27 11.10 -15.58
CA TYR B 51 1.19 11.21 -15.54
C TYR B 51 1.75 11.77 -16.84
N THR B 52 1.18 11.40 -17.98
CA THR B 52 1.64 11.90 -19.28
C THR B 52 1.30 13.37 -19.46
N GLU B 53 0.09 13.78 -19.09
CA GLU B 53 -0.30 15.18 -19.23
C GLU B 53 0.48 16.08 -18.29
N HIS B 54 0.91 15.56 -17.14
CA HIS B 54 1.75 16.36 -16.26
C HIS B 54 3.07 16.74 -16.92
N ALA B 55 3.57 15.92 -17.84
CA ALA B 55 4.82 16.18 -18.53
C ALA B 55 4.63 16.99 -19.80
N LYS B 56 3.40 17.43 -20.09
CA LYS B 56 3.06 18.19 -21.28
C LYS B 56 3.41 17.42 -22.56
N ARG B 57 3.35 16.09 -22.48
CA ARG B 57 3.59 15.23 -23.63
C ARG B 57 2.28 14.82 -24.27
N LYS B 58 2.41 14.14 -25.42
CA LYS B 58 1.27 13.58 -26.13
C LYS B 58 1.44 12.08 -26.35
N THR B 59 2.48 11.48 -25.78
CA THR B 59 2.78 10.06 -25.94
C THR B 59 2.73 9.39 -24.59
N VAL B 60 1.89 8.36 -24.48
CA VAL B 60 1.86 7.55 -23.27
C VAL B 60 3.07 6.63 -23.28
N THR B 61 3.90 6.74 -22.25
CA THR B 61 5.20 6.08 -22.23
C THR B 61 5.15 4.85 -21.31
N ALA B 62 6.03 3.89 -21.60
CA ALA B 62 6.16 2.73 -20.73
C ALA B 62 6.47 3.14 -19.30
N MET B 63 7.24 4.22 -19.13
CA MET B 63 7.48 4.76 -17.79
C MET B 63 6.20 5.28 -17.16
N ASP B 64 5.34 5.96 -17.96
CA ASP B 64 4.07 6.43 -17.43
C ASP B 64 3.23 5.26 -16.95
N VAL B 65 3.17 4.19 -17.74
CA VAL B 65 2.40 3.01 -17.35
C VAL B 65 2.99 2.37 -16.11
N VAL B 66 4.33 2.32 -16.02
CA VAL B 66 4.99 1.73 -14.86
C VAL B 66 4.67 2.50 -13.60
N TYR B 67 4.72 3.83 -13.66
CA TYR B 67 4.34 4.65 -12.51
C TYR B 67 2.86 4.51 -12.15
N ALA B 68 1.99 4.46 -13.15
CA ALA B 68 0.56 4.27 -12.88
C ALA B 68 0.30 2.94 -12.18
N LEU B 69 0.99 1.88 -12.61
CA LEU B 69 0.84 0.59 -11.95
C LEU B 69 1.45 0.59 -10.56
N LYS B 70 2.59 1.27 -10.39
CA LYS B 70 3.25 1.33 -9.09
C LYS B 70 2.38 2.03 -8.06
N ARG B 71 1.72 3.12 -8.46
CA ARG B 71 0.88 3.84 -7.52
C ARG B 71 -0.43 3.11 -7.22
N GLN B 72 -0.63 1.92 -7.77
CA GLN B 72 -1.77 1.06 -7.43
C GLN B 72 -1.34 -0.19 -6.66
N GLY B 73 -0.07 -0.28 -6.26
CA GLY B 73 0.43 -1.44 -5.57
C GLY B 73 0.86 -2.58 -6.44
N ARG B 74 0.90 -2.39 -7.76
CA ARG B 74 1.28 -3.44 -8.71
C ARG B 74 2.55 -2.99 -9.43
N THR B 75 3.69 -3.28 -8.82
CA THR B 75 4.98 -2.97 -9.46
C THR B 75 5.22 -3.92 -10.62
N LEU B 76 5.75 -3.38 -11.73
CA LEU B 76 6.02 -4.16 -12.93
C LEU B 76 7.51 -4.08 -13.23
N TYR B 77 8.17 -5.24 -13.28
CA TYR B 77 9.59 -5.33 -13.57
C TYR B 77 9.77 -5.69 -15.04
N GLY B 78 10.63 -4.95 -15.73
CA GLY B 78 10.98 -5.31 -17.09
C GLY B 78 11.02 -4.18 -18.09
N PHE B 79 10.18 -3.17 -17.90
CA PHE B 79 10.10 -2.05 -18.83
C PHE B 79 10.78 -0.79 -18.30
N GLY B 80 11.64 -0.93 -17.30
CA GLY B 80 12.36 0.19 -16.74
C GLY B 80 11.98 0.44 -15.30
N GLY B 81 12.59 1.50 -14.75
CA GLY B 81 12.37 1.89 -13.37
C GLY B 81 13.66 1.95 -12.58
N ALA C 1 5.55 47.56 5.24
CA ALA C 1 4.10 47.49 5.13
C ALA C 1 3.52 46.64 6.28
N LYS C 2 2.19 46.67 6.41
CA LYS C 2 1.52 45.88 7.43
C LYS C 2 1.64 44.40 7.10
N ALA C 3 1.89 43.59 8.13
CA ALA C 3 2.10 42.16 7.95
C ALA C 3 0.76 41.49 7.67
N LYS C 4 0.42 41.35 6.38
CA LYS C 4 -0.79 40.65 5.99
C LYS C 4 -0.52 39.17 5.88
N SER C 5 -1.31 38.36 6.58
CA SER C 5 -1.15 36.92 6.52
C SER C 5 -1.49 36.40 5.13
N ARG C 6 -0.64 35.50 4.62
CA ARG C 6 -0.87 34.96 3.29
C ARG C 6 -2.15 34.13 3.23
N SER C 7 -2.56 33.54 4.37
CA SER C 7 -3.85 32.87 4.41
C SER C 7 -4.99 33.85 4.14
N SER C 8 -4.95 35.03 4.77
CA SER C 8 -5.97 36.04 4.50
C SER C 8 -5.88 36.54 3.07
N ARG C 9 -4.67 36.71 2.55
CA ARG C 9 -4.52 37.16 1.16
C ARG C 9 -5.12 36.16 0.19
N ALA C 10 -4.90 34.87 0.43
CA ALA C 10 -5.46 33.83 -0.43
C ALA C 10 -6.93 33.56 -0.14
N GLY C 11 -7.45 34.08 0.96
CA GLY C 11 -8.84 33.87 1.32
C GLY C 11 -9.13 32.57 2.03
N LEU C 12 -8.11 31.88 2.54
CA LEU C 12 -8.28 30.61 3.23
C LEU C 12 -8.17 30.81 4.73
N GLN C 13 -8.60 29.79 5.46
CA GLN C 13 -8.49 29.76 6.91
C GLN C 13 -7.32 28.93 7.40
N PHE C 14 -6.75 28.08 6.55
CA PHE C 14 -5.63 27.24 6.93
C PHE C 14 -4.31 28.01 6.86
N PRO C 15 -3.28 27.55 7.58
CA PRO C 15 -2.05 28.34 7.67
C PRO C 15 -1.14 28.17 6.46
N VAL C 16 -1.32 29.01 5.44
CA VAL C 16 -0.48 28.94 4.25
C VAL C 16 1.00 29.00 4.61
N GLY C 17 1.37 29.89 5.54
CA GLY C 17 2.77 30.01 5.92
C GLY C 17 3.30 28.75 6.59
N ARG C 18 2.52 28.18 7.51
CA ARG C 18 2.95 26.94 8.15
C ARG C 18 3.03 25.79 7.16
N VAL C 19 2.10 25.73 6.22
CA VAL C 19 2.14 24.69 5.19
C VAL C 19 3.41 24.85 4.34
N HIS C 20 3.76 26.07 4.01
CA HIS C 20 5.02 26.32 3.30
C HIS C 20 6.21 25.86 4.11
N ARG C 21 6.20 26.13 5.41
CA ARG C 21 7.31 25.73 6.26
C ARG C 21 7.45 24.21 6.33
N LEU C 22 6.32 23.50 6.47
CA LEU C 22 6.38 22.04 6.50
C LEU C 22 6.81 21.47 5.15
N LEU C 23 6.37 22.09 4.05
CA LEU C 23 6.81 21.63 2.74
C LEU C 23 8.32 21.83 2.57
N ARG C 24 8.86 22.94 3.06
CA ARG C 24 10.30 23.16 2.98
C ARG C 24 11.09 22.22 3.90
N LYS C 25 10.60 22.00 5.12
CA LYS C 25 11.29 21.15 6.08
C LYS C 25 11.02 19.66 5.87
N GLY C 26 10.03 19.31 5.05
CA GLY C 26 9.66 17.92 4.89
C GLY C 26 10.55 17.09 3.99
N ASN C 27 11.57 17.72 3.38
CA ASN C 27 12.48 17.04 2.46
C ASN C 27 11.71 16.37 1.32
N TYR C 28 10.91 17.19 0.64
CA TYR C 28 10.15 16.76 -0.53
C TYR C 28 10.81 17.18 -1.84
N ALA C 29 11.50 18.33 -1.85
CA ALA C 29 12.20 18.80 -3.03
C ALA C 29 13.28 19.77 -2.57
N GLU C 30 14.22 20.04 -3.47
CA GLU C 30 15.24 21.04 -3.19
C GLU C 30 14.63 22.42 -3.01
N ARG C 31 13.59 22.73 -3.80
CA ARG C 31 12.91 24.01 -3.73
C ARG C 31 11.40 23.79 -3.74
N VAL C 32 10.67 24.76 -3.18
CA VAL C 32 9.22 24.72 -3.13
C VAL C 32 8.70 26.02 -3.73
N GLY C 33 7.77 25.90 -4.69
CA GLY C 33 7.24 27.08 -5.35
C GLY C 33 6.36 27.92 -4.44
N ALA C 34 5.99 29.11 -4.90
CA ALA C 34 5.17 30.01 -4.10
C ALA C 34 3.69 29.68 -4.15
N GLY C 35 3.26 28.83 -5.07
CA GLY C 35 1.87 28.48 -5.17
C GLY C 35 1.54 27.14 -4.54
N ALA C 36 2.58 26.37 -4.21
CA ALA C 36 2.37 25.06 -3.59
C ALA C 36 1.71 25.17 -2.21
N PRO C 37 2.19 26.01 -1.28
CA PRO C 37 1.46 26.14 0.00
C PRO C 37 0.03 26.63 -0.18
N VAL C 38 -0.19 27.60 -1.08
CA VAL C 38 -1.53 28.11 -1.30
C VAL C 38 -2.46 27.06 -1.86
N TYR C 39 -1.97 26.19 -2.74
CA TYR C 39 -2.80 25.12 -3.29
C TYR C 39 -3.07 24.04 -2.24
N MET C 40 -2.03 23.64 -1.51
CA MET C 40 -2.19 22.57 -0.53
C MET C 40 -3.11 22.98 0.61
N ALA C 41 -2.96 24.22 1.09
CA ALA C 41 -3.84 24.71 2.15
C ALA C 41 -5.29 24.76 1.70
N ALA C 42 -5.55 25.22 0.49
CA ALA C 42 -6.91 25.21 -0.05
C ALA C 42 -7.48 23.79 -0.16
N VAL C 43 -6.68 22.84 -0.65
CA VAL C 43 -7.17 21.46 -0.75
C VAL C 43 -7.50 20.90 0.62
N LEU C 44 -6.59 21.10 1.58
CA LEU C 44 -6.81 20.60 2.93
C LEU C 44 -8.04 21.24 3.56
N GLU C 45 -8.22 22.54 3.41
CA GLU C 45 -9.38 23.22 3.95
C GLU C 45 -10.67 22.76 3.30
N TYR C 46 -10.68 22.53 1.98
CA TYR C 46 -11.89 22.01 1.34
C TYR C 46 -12.24 20.64 1.87
N LEU C 47 -11.25 19.75 1.99
CA LEU C 47 -11.54 18.41 2.50
C LEU C 47 -12.02 18.46 3.94
N THR C 48 -11.41 19.31 4.77
CA THR C 48 -11.85 19.47 6.14
C THR C 48 -13.29 19.98 6.20
N ALA C 49 -13.62 20.96 5.36
CA ALA C 49 -14.99 21.47 5.32
C ALA C 49 -15.98 20.40 4.92
N GLU C 50 -15.65 19.59 3.91
CA GLU C 50 -16.55 18.51 3.49
C GLU C 50 -16.77 17.50 4.62
N ILE C 51 -15.68 17.03 5.23
CA ILE C 51 -15.80 16.00 6.25
C ILE C 51 -16.52 16.55 7.48
N LEU C 52 -16.29 17.82 7.83
CA LEU C 52 -16.96 18.41 8.97
C LEU C 52 -18.44 18.69 8.69
N GLU C 53 -18.80 19.07 7.47
CA GLU C 53 -20.22 19.21 7.13
C GLU C 53 -20.94 17.87 7.23
N LEU C 54 -20.33 16.81 6.71
CA LEU C 54 -20.97 15.50 6.83
C LEU C 54 -21.04 15.03 8.28
N ALA C 55 -19.99 15.28 9.07
CA ALA C 55 -20.03 14.93 10.49
C ALA C 55 -21.10 15.71 11.24
N GLY C 56 -21.26 17.00 10.93
CA GLY C 56 -22.33 17.78 11.52
C GLY C 56 -23.71 17.31 11.13
N ASN C 57 -23.90 16.91 9.87
CA ASN C 57 -25.17 16.30 9.48
C ASN C 57 -25.43 15.01 10.26
N ALA C 58 -24.42 14.17 10.41
CA ALA C 58 -24.58 12.94 11.18
C ALA C 58 -24.92 13.22 12.63
N ALA C 59 -24.27 14.22 13.23
CA ALA C 59 -24.57 14.59 14.61
C ALA C 59 -25.98 15.16 14.75
N ARG C 60 -26.43 15.95 13.76
CA ARG C 60 -27.77 16.48 13.79
C ARG C 60 -28.80 15.36 13.65
N ASP C 61 -28.47 14.30 12.91
CA ASP C 61 -29.37 13.16 12.82
C ASP C 61 -29.58 12.50 14.17
N ASN C 62 -28.52 12.39 14.97
CA ASN C 62 -28.58 11.75 16.28
C ASN C 62 -29.00 12.71 17.39
N LYS C 63 -29.52 13.88 17.05
CA LYS C 63 -30.00 14.87 18.02
C LYS C 63 -28.91 15.29 19.00
N LYS C 64 -27.69 15.44 18.52
CA LYS C 64 -26.57 15.89 19.33
C LYS C 64 -26.13 17.29 18.91
N THR C 65 -25.14 17.81 19.64
CA THR C 65 -24.61 19.15 19.40
C THR C 65 -23.10 19.11 19.20
N ARG C 66 -22.45 18.08 19.73
CA ARG C 66 -20.99 18.01 19.72
C ARG C 66 -20.56 16.80 18.90
N ILE C 67 -19.67 17.04 17.93
CA ILE C 67 -19.20 15.96 17.08
C ILE C 67 -18.26 15.06 17.86
N ILE C 68 -18.44 13.75 17.71
CA ILE C 68 -17.60 12.75 18.37
C ILE C 68 -17.11 11.78 17.31
N PRO C 69 -16.07 10.97 17.58
CA PRO C 69 -15.55 10.06 16.55
C PRO C 69 -16.60 9.21 15.85
N ARG C 70 -17.69 8.87 16.54
CA ARG C 70 -18.75 8.10 15.89
C ARG C 70 -19.34 8.85 14.71
N HIS C 71 -19.58 10.15 14.89
CA HIS C 71 -20.14 10.93 13.78
C HIS C 71 -19.17 11.02 12.61
N LEU C 72 -17.88 11.19 12.87
CA LEU C 72 -16.90 11.21 11.80
C LEU C 72 -16.88 9.89 11.03
N GLN C 73 -16.89 8.77 11.77
CA GLN C 73 -16.88 7.47 11.11
C GLN C 73 -18.16 7.24 10.31
N LEU C 74 -19.30 7.67 10.86
CA LEU C 74 -20.56 7.56 10.13
C LEU C 74 -20.52 8.36 8.84
N ALA C 75 -20.01 9.59 8.91
CA ALA C 75 -19.91 10.43 7.72
C ALA C 75 -19.02 9.79 6.66
N ILE C 76 -17.86 9.29 7.09
CA ILE C 76 -16.91 8.70 6.14
C ILE C 76 -17.49 7.46 5.51
N ARG C 77 -18.08 6.57 6.31
CA ARG C 77 -18.62 5.33 5.79
C ARG C 77 -19.89 5.53 4.98
N ASN C 78 -20.62 6.63 5.19
CA ASN C 78 -21.82 6.90 4.42
C ASN C 78 -21.57 7.75 3.19
N ASP C 79 -20.41 8.39 3.07
CA ASP C 79 -20.05 9.13 1.87
C ASP C 79 -19.22 8.23 0.97
N GLU C 80 -19.65 8.08 -0.29
CA GLU C 80 -18.98 7.17 -1.20
C GLU C 80 -17.55 7.62 -1.50
N GLU C 81 -17.37 8.91 -1.78
CA GLU C 81 -16.03 9.41 -2.12
C GLU C 81 -15.11 9.39 -0.90
N LEU C 82 -15.62 9.81 0.26
CA LEU C 82 -14.79 9.80 1.46
C LEU C 82 -14.48 8.38 1.91
N ASN C 83 -15.39 7.43 1.68
CA ASN C 83 -15.08 6.03 1.95
C ASN C 83 -13.95 5.53 1.06
N LYS C 84 -13.95 5.92 -0.21
CA LYS C 84 -12.88 5.52 -1.12
C LYS C 84 -11.55 6.15 -0.71
N LEU C 85 -11.57 7.45 -0.36
CA LEU C 85 -10.33 8.12 0.03
C LEU C 85 -9.79 7.56 1.34
N LEU C 86 -10.66 7.32 2.31
CA LEU C 86 -10.29 6.74 3.60
C LEU C 86 -10.96 5.38 3.69
N GLY C 87 -10.33 4.38 3.09
CA GLY C 87 -10.84 3.03 3.12
C GLY C 87 -9.80 2.07 3.62
N LYS C 88 -8.77 2.64 4.24
CA LYS C 88 -7.67 1.87 4.83
C LYS C 88 -7.35 2.46 6.19
N VAL C 89 -8.23 3.34 6.68
CA VAL C 89 -8.00 4.12 7.89
C VAL C 89 -8.94 3.63 8.98
N THR C 90 -8.39 3.43 10.18
CA THR C 90 -9.17 3.02 11.35
C THR C 90 -9.38 4.24 12.24
N ILE C 91 -10.62 4.44 12.68
CA ILE C 91 -10.97 5.54 13.56
C ILE C 91 -11.13 5.01 14.98
N ALA C 92 -10.44 5.65 15.92
CA ALA C 92 -10.58 5.27 17.32
C ALA C 92 -11.95 5.68 17.86
N GLN C 93 -12.61 4.74 18.54
CA GLN C 93 -13.95 4.96 19.09
C GLN C 93 -14.94 5.38 18.01
N GLY C 94 -14.76 4.84 16.80
CA GLY C 94 -15.64 5.16 15.70
C GLY C 94 -16.69 4.09 15.44
N GLY C 95 -16.48 2.92 16.04
CA GLY C 95 -17.42 1.81 15.85
C GLY C 95 -17.01 0.86 14.75
N SER D 1 8.66 23.86 25.21
CA SER D 1 8.15 22.93 24.21
C SER D 1 6.66 23.12 23.98
N ARG D 2 6.30 23.65 22.81
CA ARG D 2 4.91 23.86 22.44
C ARG D 2 4.63 23.05 21.16
N LYS D 3 3.68 22.13 21.25
CA LYS D 3 3.30 21.33 20.09
C LYS D 3 2.37 22.11 19.18
N GLU D 4 2.41 21.78 17.89
CA GLU D 4 1.65 22.51 16.88
C GLU D 4 0.63 21.58 16.24
N SER D 5 -0.53 22.14 15.91
CA SER D 5 -1.61 21.38 15.31
C SER D 5 -2.51 22.34 14.54
N TYR D 6 -3.41 21.76 13.73
CA TYR D 6 -4.35 22.52 12.92
C TYR D 6 -5.66 22.77 13.63
N SER D 7 -5.68 22.71 14.96
CA SER D 7 -6.94 22.76 15.71
C SER D 7 -7.66 24.08 15.52
N VAL D 8 -6.93 25.19 15.54
CA VAL D 8 -7.55 26.51 15.41
C VAL D 8 -8.26 26.63 14.06
N TYR D 9 -7.59 26.22 12.99
CA TYR D 9 -8.16 26.34 11.66
C TYR D 9 -9.30 25.36 11.44
N VAL D 10 -9.19 24.14 11.99
CA VAL D 10 -10.29 23.19 11.92
C VAL D 10 -11.51 23.75 12.63
N TYR D 11 -11.30 24.38 13.79
CA TYR D 11 -12.40 25.02 14.50
C TYR D 11 -13.00 26.16 13.71
N LYS D 12 -12.19 26.98 13.06
CA LYS D 12 -12.74 28.06 12.25
C LYS D 12 -13.58 27.54 11.09
N VAL D 13 -13.10 26.51 10.38
CA VAL D 13 -13.88 25.92 9.30
C VAL D 13 -15.15 25.28 9.85
N LEU D 14 -15.09 24.66 11.02
CA LEU D 14 -16.29 24.07 11.62
C LEU D 14 -17.30 25.16 11.97
N LYS D 15 -16.83 26.28 12.51
CA LYS D 15 -17.73 27.39 12.80
C LYS D 15 -18.36 27.95 11.54
N GLN D 16 -17.59 28.06 10.46
CA GLN D 16 -18.12 28.53 9.18
C GLN D 16 -19.14 27.58 8.57
N VAL D 17 -18.92 26.27 8.66
CA VAL D 17 -19.78 25.32 7.98
C VAL D 17 -20.96 24.89 8.85
N HIS D 18 -20.85 25.07 10.17
CA HIS D 18 -21.92 24.73 11.11
C HIS D 18 -21.87 25.75 12.24
N PRO D 19 -22.77 26.74 12.21
CA PRO D 19 -22.64 27.89 13.11
C PRO D 19 -22.67 27.56 14.59
N ASP D 20 -23.42 26.53 14.99
CA ASP D 20 -23.64 26.26 16.41
C ASP D 20 -23.13 24.90 16.88
N THR D 21 -22.71 24.03 15.98
CA THR D 21 -22.26 22.70 16.37
C THR D 21 -20.83 22.75 16.90
N GLY D 22 -20.61 22.07 18.03
CA GLY D 22 -19.29 21.99 18.63
C GLY D 22 -18.56 20.73 18.26
N ILE D 23 -17.42 20.47 18.90
CA ILE D 23 -16.60 19.31 18.57
C ILE D 23 -15.85 18.86 19.82
N SER D 24 -15.71 17.55 19.97
CA SER D 24 -15.00 16.97 21.10
C SER D 24 -13.49 16.93 20.82
N SER D 25 -12.72 16.76 21.89
CA SER D 25 -11.27 16.69 21.77
C SER D 25 -10.80 15.47 20.99
N LYS D 26 -11.44 14.32 21.18
CA LYS D 26 -11.11 13.14 20.40
C LYS D 26 -11.36 13.37 18.92
N ALA D 27 -12.50 13.99 18.59
CA ALA D 27 -12.79 14.34 17.21
C ALA D 27 -11.79 15.33 16.63
N MET D 28 -11.37 16.33 17.41
CA MET D 28 -10.34 17.25 16.96
C MET D 28 -9.00 16.57 16.72
N GLY D 29 -8.60 15.66 17.61
CA GLY D 29 -7.39 14.90 17.39
C GLY D 29 -7.46 13.93 16.24
N ILE D 30 -8.65 13.49 15.87
CA ILE D 30 -8.83 12.66 14.68
C ILE D 30 -8.74 13.53 13.44
N MET D 31 -9.32 14.72 13.51
CA MET D 31 -9.22 15.66 12.39
C MET D 31 -7.79 16.10 12.13
N ASN D 32 -7.00 16.31 13.17
CA ASN D 32 -5.59 16.63 12.98
C ASN D 32 -4.84 15.51 12.28
N SER D 33 -5.07 14.26 12.67
CA SER D 33 -4.47 13.13 11.98
C SER D 33 -4.94 13.04 10.53
N PHE D 34 -6.21 13.32 10.27
CA PHE D 34 -6.72 13.33 8.90
C PHE D 34 -5.99 14.37 8.05
N VAL D 35 -5.86 15.58 8.57
CA VAL D 35 -5.19 16.65 7.84
C VAL D 35 -3.73 16.30 7.59
N ASN D 36 -3.04 15.77 8.61
CA ASN D 36 -1.65 15.37 8.42
C ASN D 36 -1.50 14.24 7.41
N ASP D 37 -2.40 13.25 7.43
CA ASP D 37 -2.34 12.17 6.46
C ASP D 37 -2.53 12.68 5.03
N ILE D 38 -3.53 13.54 4.81
CA ILE D 38 -3.75 14.07 3.47
C ILE D 38 -2.57 14.92 3.02
N PHE D 39 -2.04 15.74 3.94
CA PHE D 39 -0.89 16.56 3.59
C PHE D 39 0.30 15.70 3.18
N GLU D 40 0.59 14.66 3.95
CA GLU D 40 1.73 13.81 3.63
C GLU D 40 1.50 13.05 2.33
N ARG D 41 0.27 12.62 2.06
CA ARG D 41 -0.04 11.95 0.80
C ARG D 41 0.21 12.87 -0.39
N ILE D 42 -0.37 14.08 -0.36
CA ILE D 42 -0.20 15.00 -1.48
C ILE D 42 1.26 15.41 -1.63
N ALA D 43 1.97 15.67 -0.52
CA ALA D 43 3.36 16.06 -0.61
C ALA D 43 4.23 14.94 -1.20
N GLY D 44 4.01 13.70 -0.77
CA GLY D 44 4.77 12.59 -1.33
C GLY D 44 4.49 12.40 -2.81
N GLU D 45 3.23 12.49 -3.21
CA GLU D 45 2.92 12.35 -4.63
C GLU D 45 3.52 13.47 -5.46
N ALA D 46 3.48 14.70 -4.96
CA ALA D 46 4.10 15.82 -5.67
C ALA D 46 5.60 15.68 -5.76
N SER D 47 6.26 15.22 -4.70
CA SER D 47 7.69 14.97 -4.74
C SER D 47 8.04 13.89 -5.75
N ARG D 48 7.27 12.80 -5.80
CA ARG D 48 7.50 11.77 -6.79
C ARG D 48 7.29 12.30 -8.20
N LEU D 49 6.28 13.14 -8.40
CA LEU D 49 6.07 13.78 -9.70
C LEU D 49 7.26 14.63 -10.12
N ALA D 50 7.72 15.52 -9.25
CA ALA D 50 8.87 16.35 -9.56
C ALA D 50 10.14 15.54 -9.81
N HIS D 51 10.31 14.42 -9.11
CA HIS D 51 11.46 13.56 -9.36
C HIS D 51 11.33 12.86 -10.71
N TYR D 52 10.12 12.40 -11.06
CA TYR D 52 9.91 11.76 -12.35
C TYR D 52 10.17 12.73 -13.50
N ASN D 53 9.80 14.00 -13.33
CA ASN D 53 10.01 15.00 -14.37
C ASN D 53 11.33 15.74 -14.22
N LYS D 54 12.22 15.26 -13.34
CA LYS D 54 13.55 15.84 -13.16
C LYS D 54 13.48 17.32 -12.80
N ARG D 55 12.54 17.68 -11.93
CA ARG D 55 12.37 19.04 -11.48
C ARG D 55 12.73 19.16 -10.00
N SER D 56 13.35 20.28 -9.65
CA SER D 56 13.74 20.54 -8.28
C SER D 56 12.74 21.39 -7.50
N THR D 57 11.60 21.72 -8.10
CA THR D 57 10.61 22.59 -7.48
C THR D 57 9.28 21.87 -7.37
N ILE D 58 8.62 22.02 -6.24
CA ILE D 58 7.22 21.61 -6.09
C ILE D 58 6.35 22.84 -6.29
N THR D 59 5.51 22.81 -7.32
CA THR D 59 4.72 23.96 -7.70
C THR D 59 3.23 23.63 -7.66
N SER D 60 2.41 24.62 -8.02
CA SER D 60 0.97 24.41 -8.08
C SER D 60 0.59 23.34 -9.09
N ARG D 61 1.31 23.24 -10.21
CA ARG D 61 1.04 22.19 -11.18
C ARG D 61 1.28 20.81 -10.57
N GLU D 62 2.39 20.64 -9.86
CA GLU D 62 2.66 19.37 -9.18
C GLU D 62 1.63 19.06 -8.11
N ILE D 63 1.22 20.05 -7.32
CA ILE D 63 0.20 19.81 -6.30
C ILE D 63 -1.13 19.42 -6.94
N GLN D 64 -1.51 20.08 -8.03
CA GLN D 64 -2.75 19.75 -8.73
C GLN D 64 -2.69 18.34 -9.32
N THR D 65 -1.56 17.95 -9.91
CA THR D 65 -1.43 16.61 -10.45
C THR D 65 -1.50 15.56 -9.33
N ALA D 66 -0.88 15.85 -8.19
CA ALA D 66 -0.97 14.93 -7.06
C ALA D 66 -2.41 14.81 -6.56
N VAL D 67 -3.13 15.93 -6.49
CA VAL D 67 -4.53 15.89 -6.09
C VAL D 67 -5.34 15.06 -7.07
N ARG D 68 -5.10 15.24 -8.36
CA ARG D 68 -5.81 14.46 -9.37
C ARG D 68 -5.50 12.97 -9.25
N LEU D 69 -4.26 12.63 -8.91
CA LEU D 69 -3.88 11.23 -8.74
C LEU D 69 -4.47 10.59 -7.50
N LEU D 70 -4.61 11.33 -6.41
CA LEU D 70 -5.07 10.73 -5.15
C LEU D 70 -6.57 10.83 -4.94
N LEU D 71 -7.19 12.02 -5.11
CA LEU D 71 -8.59 12.12 -4.71
C LEU D 71 -9.51 11.53 -5.77
N PRO D 72 -10.61 10.90 -5.34
CA PRO D 72 -11.52 10.26 -6.30
C PRO D 72 -12.64 11.17 -6.81
N GLY D 73 -12.77 11.26 -8.13
CA GLY D 73 -13.95 11.84 -8.76
C GLY D 73 -14.28 13.28 -8.43
N GLU D 74 -15.50 13.51 -7.94
CA GLU D 74 -15.95 14.85 -7.60
C GLU D 74 -15.16 15.48 -6.47
N LEU D 75 -14.65 14.67 -5.54
CA LEU D 75 -13.72 15.20 -4.53
C LEU D 75 -12.52 15.85 -5.19
N ALA D 76 -11.88 15.14 -6.12
CA ALA D 76 -10.73 15.69 -6.83
C ALA D 76 -11.12 16.91 -7.65
N LYS D 77 -12.28 16.85 -8.31
CA LYS D 77 -12.73 17.96 -9.13
C LYS D 77 -12.88 19.23 -8.30
N HIS D 78 -13.62 19.15 -7.19
CA HIS D 78 -13.83 20.33 -6.37
C HIS D 78 -12.56 20.77 -5.65
N ALA D 79 -11.70 19.84 -5.24
CA ALA D 79 -10.44 20.22 -4.62
C ALA D 79 -9.54 20.97 -5.60
N VAL D 80 -9.50 20.50 -6.85
CA VAL D 80 -8.72 21.19 -7.88
C VAL D 80 -9.29 22.58 -8.14
N SER D 81 -10.62 22.68 -8.22
CA SER D 81 -11.24 23.99 -8.41
C SER D 81 -10.93 24.94 -7.25
N GLU D 82 -11.02 24.45 -6.01
CA GLU D 82 -10.70 25.29 -4.85
C GLU D 82 -9.24 25.73 -4.87
N GLY D 83 -8.33 24.81 -5.19
CA GLY D 83 -6.93 25.17 -5.26
C GLY D 83 -6.63 26.21 -6.32
N THR D 84 -7.22 26.04 -7.52
CA THR D 84 -7.03 27.01 -8.58
C THR D 84 -7.60 28.37 -8.18
N LYS D 85 -8.78 28.39 -7.57
CA LYS D 85 -9.36 29.67 -7.12
C LYS D 85 -8.48 30.34 -6.08
N ALA D 86 -7.96 29.57 -5.13
CA ALA D 86 -7.10 30.14 -4.09
C ALA D 86 -5.82 30.71 -4.68
N VAL D 87 -5.19 29.96 -5.59
CA VAL D 87 -3.96 30.44 -6.21
C VAL D 87 -4.21 31.70 -7.04
N THR D 88 -5.32 31.71 -7.79
CA THR D 88 -5.66 32.91 -8.56
C THR D 88 -5.89 34.11 -7.66
N LYS D 89 -6.61 33.92 -6.54
CA LYS D 89 -6.83 35.02 -5.61
C LYS D 89 -5.52 35.49 -5.00
N TYR D 90 -4.62 34.57 -4.66
CA TYR D 90 -3.35 34.95 -4.06
C TYR D 90 -2.49 35.76 -5.02
N THR D 91 -2.31 35.26 -6.24
CA THR D 91 -1.46 35.95 -7.21
C THR D 91 -2.16 37.14 -7.87
N SER D 92 -3.45 37.33 -7.66
CA SER D 92 -4.16 38.48 -8.19
C SER D 92 -4.24 39.63 -7.19
N SER D 93 -3.58 39.48 -6.05
CA SER D 93 -3.60 40.50 -5.01
C SER D 93 -2.20 40.73 -4.45
N LYS D 94 -1.21 40.82 -5.34
CA LYS D 94 0.18 41.04 -4.97
C LYS D 94 0.69 39.98 -4.00
N ARG E 1 -38.59 -18.08 26.47
CA ARG E 1 -37.59 -18.74 25.64
C ARG E 1 -37.66 -18.25 24.19
N TYR E 2 -36.69 -17.44 23.80
CA TYR E 2 -36.63 -16.90 22.45
C TYR E 2 -36.15 -17.97 21.47
N ARG E 3 -36.63 -17.87 20.23
CA ARG E 3 -36.23 -18.81 19.20
C ARG E 3 -34.75 -18.63 18.87
N PRO E 4 -34.08 -19.69 18.40
CA PRO E 4 -32.66 -19.58 18.04
C PRO E 4 -32.47 -18.67 16.84
N GLY E 5 -31.89 -17.50 17.07
CA GLY E 5 -31.60 -16.55 16.02
C GLY E 5 -32.03 -15.12 16.30
N THR E 6 -33.16 -14.92 16.96
CA THR E 6 -33.62 -13.55 17.23
C THR E 6 -32.69 -12.84 18.21
N VAL E 7 -32.21 -13.55 19.23
CA VAL E 7 -31.24 -12.95 20.15
C VAL E 7 -29.93 -12.67 19.42
N ALA E 8 -29.56 -13.54 18.47
CA ALA E 8 -28.37 -13.28 17.67
C ALA E 8 -28.50 -12.00 16.86
N LEU E 9 -29.67 -11.79 16.24
CA LEU E 9 -29.89 -10.56 15.49
C LEU E 9 -29.89 -9.34 16.41
N ARG E 10 -30.47 -9.49 17.62
CA ARG E 10 -30.44 -8.41 18.59
C ARG E 10 -29.00 -8.06 18.97
N GLU E 11 -28.17 -9.08 19.19
CA GLU E 11 -26.75 -8.85 19.49
C GLU E 11 -26.05 -8.16 18.33
N ILE E 12 -26.36 -8.58 17.11
CA ILE E 12 -25.75 -7.95 15.93
C ILE E 12 -26.08 -6.46 15.90
N ARG E 13 -27.37 -6.13 16.07
CA ARG E 13 -27.77 -4.72 16.07
C ARG E 13 -27.12 -3.95 17.22
N ARG E 14 -27.09 -4.53 18.41
CA ARG E 14 -26.53 -3.85 19.58
C ARG E 14 -25.04 -3.59 19.41
N TYR E 15 -24.30 -4.57 18.90
CA TYR E 15 -22.85 -4.42 18.76
C TYR E 15 -22.46 -3.65 17.51
N GLN E 16 -23.38 -3.46 16.56
CA GLN E 16 -23.13 -2.53 15.47
C GLN E 16 -23.61 -1.12 15.78
N LYS E 17 -24.39 -0.95 16.86
CA LYS E 17 -24.81 0.37 17.29
C LYS E 17 -23.83 1.02 18.26
N SER E 18 -22.97 0.25 18.91
CA SER E 18 -22.07 0.75 19.93
C SER E 18 -20.66 0.92 19.37
N THR E 19 -19.82 1.61 20.14
CA THR E 19 -18.44 1.88 19.76
C THR E 19 -17.43 1.37 20.79
N GLU E 20 -17.87 0.73 21.85
CA GLU E 20 -16.96 0.31 22.91
C GLU E 20 -16.11 -0.89 22.46
N LEU E 21 -15.07 -1.17 23.23
CA LEU E 21 -14.18 -2.31 22.99
C LEU E 21 -14.87 -3.58 23.46
N LEU E 22 -14.83 -4.61 22.63
CA LEU E 22 -15.46 -5.88 22.96
C LEU E 22 -14.49 -6.89 23.57
N ILE E 23 -13.23 -6.52 23.75
CA ILE E 23 -12.23 -7.37 24.40
C ILE E 23 -11.82 -6.70 25.71
N ARG E 24 -11.79 -7.48 26.79
CA ARG E 24 -11.41 -6.94 28.08
C ARG E 24 -9.97 -6.46 28.04
N LYS E 25 -9.70 -5.37 28.76
CA LYS E 25 -8.41 -4.68 28.63
C LYS E 25 -7.27 -5.43 29.29
N LEU E 26 -7.48 -6.00 30.47
CA LEU E 26 -6.38 -6.65 31.20
C LEU E 26 -5.85 -7.88 30.47
N PRO E 27 -6.70 -8.80 29.99
CA PRO E 27 -6.16 -9.92 29.21
C PRO E 27 -5.47 -9.49 27.93
N PHE E 28 -5.95 -8.45 27.25
CA PHE E 28 -5.27 -7.97 26.06
C PHE E 28 -3.91 -7.37 26.39
N GLN E 29 -3.83 -6.63 27.50
CA GLN E 29 -2.55 -6.10 27.95
C GLN E 29 -1.58 -7.23 28.25
N ARG E 30 -2.05 -8.27 28.93
CA ARG E 30 -1.21 -9.41 29.22
C ARG E 30 -0.72 -10.08 27.94
N LEU E 31 -1.60 -10.26 26.96
CA LEU E 31 -1.20 -10.88 25.71
C LEU E 31 -0.20 -10.03 24.93
N VAL E 32 -0.40 -8.71 24.92
CA VAL E 32 0.52 -7.82 24.21
C VAL E 32 1.90 -7.88 24.84
N ARG E 33 1.95 -7.84 26.17
CA ARG E 33 3.24 -7.93 26.85
C ARG E 33 3.88 -9.30 26.65
N GLU E 34 3.08 -10.36 26.65
CA GLU E 34 3.58 -11.69 26.31
C GLU E 34 4.25 -11.73 24.94
N ILE E 35 3.59 -11.15 23.93
CA ILE E 35 4.14 -11.19 22.58
C ILE E 35 5.39 -10.33 22.49
N ALA E 36 5.39 -9.16 23.13
CA ALA E 36 6.55 -8.29 23.08
C ALA E 36 7.73 -8.84 23.88
N GLN E 37 7.47 -9.80 24.78
CA GLN E 37 8.54 -10.40 25.56
C GLN E 37 9.57 -11.07 24.67
N ASP E 38 9.10 -11.83 23.66
CA ASP E 38 10.02 -12.54 22.77
C ASP E 38 10.73 -11.61 21.80
N PHE E 39 10.28 -10.36 21.66
CA PHE E 39 11.00 -9.41 20.81
C PHE E 39 12.00 -8.59 21.60
N LYS E 40 11.67 -8.22 22.84
CA LYS E 40 12.62 -7.51 23.70
C LYS E 40 12.23 -7.62 25.16
N THR E 41 13.15 -8.15 25.98
CA THR E 41 12.89 -8.29 27.41
C THR E 41 12.98 -6.94 28.10
N ASP E 42 12.30 -6.86 29.25
CA ASP E 42 12.25 -5.62 30.05
C ASP E 42 11.76 -4.44 29.22
N LEU E 43 10.61 -4.65 28.57
CA LEU E 43 10.00 -3.64 27.71
C LEU E 43 8.80 -3.03 28.42
N ARG E 44 8.75 -1.70 28.47
CA ARG E 44 7.64 -0.98 29.05
C ARG E 44 6.68 -0.55 27.94
N PHE E 45 5.45 -0.24 28.34
CA PHE E 45 4.40 0.04 27.37
C PHE E 45 3.59 1.25 27.82
N GLN E 46 3.32 2.15 26.90
CA GLN E 46 2.39 3.23 27.15
C GLN E 46 0.96 2.71 27.12
N SER E 47 0.13 3.22 28.02
CA SER E 47 -1.29 2.88 27.99
C SER E 47 -1.92 3.28 26.67
N SER E 48 -1.51 4.40 26.09
CA SER E 48 -1.99 4.78 24.76
C SER E 48 -1.51 3.80 23.70
N ALA E 49 -0.31 3.25 23.84
CA ALA E 49 0.17 2.25 22.88
C ALA E 49 -0.68 0.99 22.95
N VAL E 50 -0.96 0.51 24.17
CA VAL E 50 -1.83 -0.65 24.33
C VAL E 50 -3.23 -0.36 23.79
N MET E 51 -3.73 0.85 24.03
CA MET E 51 -5.02 1.29 23.51
C MET E 51 -5.07 1.24 21.99
N ALA E 52 -4.04 1.78 21.33
CA ALA E 52 -3.99 1.77 19.88
C ALA E 52 -3.91 0.34 19.34
N LEU E 53 -3.10 -0.49 19.99
CA LEU E 53 -3.02 -1.89 19.57
C LEU E 53 -4.36 -2.59 19.68
N GLN E 54 -5.10 -2.40 20.77
CA GLN E 54 -6.42 -2.99 20.93
C GLN E 54 -7.42 -2.48 19.90
N GLU E 55 -7.41 -1.16 19.63
CA GLU E 55 -8.32 -0.61 18.63
C GLU E 55 -8.04 -1.21 17.25
N ALA E 56 -6.77 -1.25 16.84
CA ALA E 56 -6.43 -1.83 15.55
C ALA E 56 -6.80 -3.30 15.49
N SER E 57 -6.52 -4.05 16.56
CA SER E 57 -6.83 -5.47 16.57
C SER E 57 -8.31 -5.73 16.41
N GLU E 58 -9.15 -4.96 17.13
CA GLU E 58 -10.58 -5.19 17.03
C GLU E 58 -11.14 -4.77 15.69
N ALA E 59 -10.66 -3.66 15.12
CA ALA E 59 -11.11 -3.28 13.78
C ALA E 59 -10.73 -4.35 12.75
N TYR E 60 -9.50 -4.85 12.83
CA TYR E 60 -9.05 -5.92 11.94
C TYR E 60 -9.93 -7.15 12.07
N LEU E 61 -10.23 -7.55 13.32
CA LEU E 61 -11.04 -8.74 13.53
C LEU E 61 -12.46 -8.56 13.03
N VAL E 62 -13.05 -7.37 13.20
CA VAL E 62 -14.40 -7.12 12.70
C VAL E 62 -14.42 -7.19 11.18
N GLY E 63 -13.44 -6.59 10.51
CA GLY E 63 -13.39 -6.68 9.06
C GLY E 63 -13.19 -8.11 8.58
N LEU E 64 -12.30 -8.85 9.25
CA LEU E 64 -12.06 -10.24 8.87
C LEU E 64 -13.31 -11.09 9.06
N PHE E 65 -14.07 -10.82 10.13
CA PHE E 65 -15.30 -11.59 10.35
C PHE E 65 -16.37 -11.21 9.34
N GLU E 66 -16.41 -9.95 8.89
CA GLU E 66 -17.33 -9.59 7.81
C GLU E 66 -16.99 -10.35 6.53
N ASP E 67 -15.70 -10.42 6.18
CA ASP E 67 -15.29 -11.20 5.01
C ASP E 67 -15.60 -12.69 5.20
N THR E 68 -15.41 -13.20 6.42
CA THR E 68 -15.74 -14.57 6.72
C THR E 68 -17.23 -14.86 6.55
N ASN E 69 -18.08 -13.92 6.97
CA ASN E 69 -19.51 -14.06 6.75
C ASN E 69 -19.85 -14.07 5.26
N LEU E 70 -19.16 -13.23 4.47
CA LEU E 70 -19.35 -13.28 3.02
C LEU E 70 -18.98 -14.66 2.47
N CYS E 71 -17.85 -15.20 2.91
CA CYS E 71 -17.44 -16.53 2.47
C CYS E 71 -18.45 -17.60 2.87
N ALA E 72 -18.99 -17.51 4.09
CA ALA E 72 -19.96 -18.49 4.55
C ALA E 72 -21.24 -18.42 3.73
N ILE E 73 -21.71 -17.20 3.43
CA ILE E 73 -22.90 -17.04 2.62
C ILE E 73 -22.65 -17.54 1.20
N HIS E 74 -21.40 -17.46 0.73
CA HIS E 74 -21.08 -17.98 -0.60
C HIS E 74 -21.39 -19.47 -0.71
N ALA E 75 -21.08 -20.23 0.34
CA ALA E 75 -21.31 -21.67 0.35
C ALA E 75 -22.72 -22.04 0.83
N LYS E 76 -23.67 -21.10 0.75
CA LYS E 76 -25.06 -21.33 1.17
C LYS E 76 -25.15 -21.77 2.62
N ARG E 77 -24.47 -21.04 3.50
CA ARG E 77 -24.47 -21.32 4.92
C ARG E 77 -24.67 -20.03 5.71
N VAL E 78 -25.19 -20.18 6.93
CA VAL E 78 -25.25 -19.08 7.88
C VAL E 78 -24.22 -19.21 8.99
N THR E 79 -23.53 -20.34 9.08
CA THR E 79 -22.53 -20.56 10.12
C THR E 79 -21.14 -20.36 9.53
N ILE E 80 -20.41 -19.39 10.08
CA ILE E 80 -19.04 -19.14 9.63
C ILE E 80 -18.12 -20.22 10.20
N MET E 81 -17.10 -20.58 9.45
CA MET E 81 -16.24 -21.71 9.78
C MET E 81 -14.77 -21.36 9.58
N PRO E 82 -13.86 -22.13 10.20
CA PRO E 82 -12.43 -21.91 9.98
C PRO E 82 -12.05 -21.96 8.52
N LYS E 83 -12.71 -22.80 7.73
CA LYS E 83 -12.47 -22.79 6.29
C LYS E 83 -12.88 -21.47 5.66
N ASP E 84 -13.95 -20.84 6.13
CA ASP E 84 -14.33 -19.51 5.67
C ASP E 84 -13.28 -18.47 6.03
N ILE E 85 -12.77 -18.50 7.25
CA ILE E 85 -11.73 -17.55 7.64
C ILE E 85 -10.48 -17.77 6.80
N GLN E 86 -10.09 -19.03 6.57
CA GLN E 86 -8.92 -19.32 5.75
C GLN E 86 -9.09 -18.83 4.33
N LEU E 87 -10.26 -19.04 3.73
CA LEU E 87 -10.50 -18.55 2.38
C LEU E 87 -10.43 -17.03 2.34
N ALA E 88 -11.04 -16.35 3.31
CA ALA E 88 -11.00 -14.90 3.33
C ALA E 88 -9.57 -14.38 3.44
N ARG E 89 -8.78 -14.99 4.34
CA ARG E 89 -7.39 -14.58 4.50
C ARG E 89 -6.57 -14.83 3.24
N ARG E 90 -6.75 -16.00 2.61
CA ARG E 90 -6.02 -16.31 1.39
C ARG E 90 -6.35 -15.32 0.28
N ILE E 91 -7.63 -14.97 0.14
CA ILE E 91 -8.00 -14.06 -0.93
C ILE E 91 -7.50 -12.65 -0.66
N ARG E 92 -7.59 -12.16 0.58
CA ARG E 92 -7.11 -10.80 0.83
C ARG E 92 -5.58 -10.74 0.78
N GLY E 93 -4.90 -11.86 1.00
CA GLY E 93 -3.47 -11.90 0.83
C GLY E 93 -2.69 -12.08 2.11
N GLU E 94 -3.26 -12.79 3.08
CA GLU E 94 -2.58 -13.08 4.34
C GLU E 94 -2.13 -14.52 4.45
N ARG E 95 -2.63 -15.42 3.59
CA ARG E 95 -2.21 -16.81 3.57
C ARG E 95 -1.48 -17.22 2.31
N ALA E 96 -1.51 -16.40 1.26
CA ALA E 96 -0.87 -16.70 -0.02
C ALA E 96 -1.33 -18.04 -0.58
N LEU F 1 4.00 -14.27 30.44
CA LEU F 1 4.88 -15.42 30.55
C LEU F 1 4.09 -16.70 30.78
N ARG F 2 2.86 -16.73 30.25
CA ARG F 2 1.98 -17.88 30.36
C ARG F 2 0.92 -17.72 29.28
N ASP F 3 0.03 -18.70 29.19
CA ASP F 3 -0.98 -18.69 28.13
C ASP F 3 -1.94 -17.53 28.32
N ASN F 4 -1.74 -16.46 27.54
CA ASN F 4 -2.56 -15.26 27.62
C ASN F 4 -3.49 -15.13 26.42
N ILE F 5 -3.30 -15.93 25.38
CA ILE F 5 -4.23 -15.94 24.25
C ILE F 5 -5.56 -16.56 24.63
N GLN F 6 -5.62 -17.35 25.70
CA GLN F 6 -6.88 -17.83 26.24
C GLN F 6 -7.65 -16.73 26.95
N GLY F 7 -7.01 -15.60 27.25
CA GLY F 7 -7.69 -14.46 27.81
C GLY F 7 -8.54 -13.71 26.82
N ILE F 8 -8.43 -14.04 25.54
CA ILE F 8 -9.35 -13.56 24.52
C ILE F 8 -10.50 -14.55 24.54
N THR F 9 -11.45 -14.31 25.45
CA THR F 9 -12.46 -15.30 25.78
C THR F 9 -13.41 -15.53 24.60
N LYS F 10 -14.14 -16.64 24.67
CA LYS F 10 -15.17 -16.94 23.68
C LYS F 10 -16.22 -15.86 23.58
N PRO F 11 -16.79 -15.32 24.67
CA PRO F 11 -17.77 -14.23 24.52
C PRO F 11 -17.23 -13.02 23.78
N ALA F 12 -15.96 -12.67 23.98
CA ALA F 12 -15.39 -11.55 23.24
C ALA F 12 -15.32 -11.85 21.75
N ILE F 13 -14.96 -13.07 21.38
CA ILE F 13 -14.90 -13.45 19.98
C ILE F 13 -16.30 -13.43 19.36
N ARG F 14 -17.31 -13.90 20.10
CA ARG F 14 -18.67 -13.81 19.60
C ARG F 14 -19.14 -12.37 19.44
N ARG F 15 -18.78 -11.50 20.39
CA ARG F 15 -19.13 -10.10 20.27
C ARG F 15 -18.51 -9.46 19.05
N LEU F 16 -17.22 -9.76 18.79
CA LEU F 16 -16.58 -9.26 17.58
C LEU F 16 -17.22 -9.82 16.31
N ALA F 17 -17.58 -11.10 16.31
CA ALA F 17 -18.24 -11.69 15.16
C ALA F 17 -19.59 -11.04 14.89
N ARG F 18 -20.37 -10.79 15.94
CA ARG F 18 -21.67 -10.16 15.75
C ARG F 18 -21.53 -8.69 15.34
N ARG F 19 -20.45 -8.03 15.78
CA ARG F 19 -20.15 -6.72 15.23
C ARG F 19 -19.81 -6.82 13.75
N GLY F 20 -19.20 -7.94 13.35
CA GLY F 20 -18.96 -8.18 11.94
C GLY F 20 -20.17 -8.66 11.16
N GLY F 21 -21.32 -8.84 11.81
CA GLY F 21 -22.52 -9.27 11.14
C GLY F 21 -22.71 -10.77 11.06
N VAL F 22 -21.89 -11.54 11.75
CA VAL F 22 -21.99 -12.99 11.73
C VAL F 22 -23.21 -13.41 12.53
N LYS F 23 -24.02 -14.31 11.97
CA LYS F 23 -25.26 -14.74 12.61
C LYS F 23 -25.05 -15.96 13.50
N ARG F 24 -24.51 -17.04 12.94
CA ARG F 24 -24.17 -18.24 13.70
C ARG F 24 -22.68 -18.51 13.60
N ILE F 25 -22.09 -18.99 14.68
CA ILE F 25 -20.65 -19.18 14.79
C ILE F 25 -20.35 -20.64 15.10
N SER F 26 -19.48 -21.24 14.30
CA SER F 26 -19.02 -22.60 14.57
C SER F 26 -18.11 -22.61 15.80
N GLY F 27 -18.09 -23.75 16.49
CA GLY F 27 -17.33 -23.86 17.71
C GLY F 27 -15.82 -23.89 17.53
N LEU F 28 -15.33 -24.13 16.32
CA LEU F 28 -13.90 -24.12 16.04
C LEU F 28 -13.41 -22.75 15.60
N ILE F 29 -14.28 -21.75 15.56
CA ILE F 29 -13.88 -20.42 15.13
C ILE F 29 -12.98 -19.74 16.16
N TYR F 30 -13.18 -20.03 17.44
CA TYR F 30 -12.51 -19.29 18.51
C TYR F 30 -11.00 -19.56 18.50
N GLU F 31 -10.61 -20.84 18.46
CA GLU F 31 -9.20 -21.20 18.53
C GLU F 31 -8.43 -20.75 17.30
N GLU F 32 -9.11 -20.54 16.17
CA GLU F 32 -8.48 -20.04 14.95
C GLU F 32 -8.42 -18.53 14.90
N THR F 33 -9.46 -17.84 15.36
CA THR F 33 -9.40 -16.40 15.52
C THR F 33 -8.32 -16.00 16.52
N ARG F 34 -8.10 -16.80 17.56
CA ARG F 34 -7.00 -16.53 18.48
C ARG F 34 -5.64 -16.56 17.78
N GLY F 35 -5.42 -17.56 16.92
CA GLY F 35 -4.17 -17.60 16.18
C GLY F 35 -4.02 -16.46 15.19
N VAL F 36 -5.11 -16.08 14.53
CA VAL F 36 -5.06 -14.96 13.60
C VAL F 36 -4.72 -13.67 14.34
N LEU F 37 -5.34 -13.46 15.51
CA LEU F 37 -5.04 -12.29 16.32
C LEU F 37 -3.59 -12.32 16.78
N LYS F 38 -3.09 -13.49 17.17
CA LYS F 38 -1.69 -13.62 17.57
C LYS F 38 -0.75 -13.23 16.44
N VAL F 39 -1.02 -13.68 15.22
CA VAL F 39 -0.14 -13.35 14.10
C VAL F 39 -0.16 -11.85 13.83
N PHE F 40 -1.35 -11.25 13.80
CA PHE F 40 -1.45 -9.81 13.56
C PHE F 40 -0.71 -9.02 14.63
N LEU F 41 -0.91 -9.41 15.90
CA LEU F 41 -0.25 -8.70 17.00
C LEU F 41 1.26 -8.89 16.93
N GLU F 42 1.73 -10.07 16.56
CA GLU F 42 3.17 -10.28 16.42
C GLU F 42 3.76 -9.36 15.36
N ASN F 43 3.09 -9.24 14.21
CA ASN F 43 3.59 -8.35 13.16
C ASN F 43 3.67 -6.91 13.67
N VAL F 44 2.55 -6.40 14.21
CA VAL F 44 2.50 -5.00 14.62
C VAL F 44 3.50 -4.73 15.74
N ILE F 45 3.56 -5.63 16.73
CA ILE F 45 4.46 -5.43 17.86
C ILE F 45 5.92 -5.53 17.42
N ARG F 46 6.25 -6.41 16.48
CA ARG F 46 7.62 -6.47 16.00
C ARG F 46 8.01 -5.16 15.33
N ASP F 47 7.14 -4.60 14.51
CA ASP F 47 7.46 -3.30 13.91
C ASP F 47 7.59 -2.20 14.96
N ALA F 48 6.68 -2.17 15.94
CA ALA F 48 6.74 -1.13 16.97
C ALA F 48 8.00 -1.26 17.82
N VAL F 49 8.40 -2.48 18.16
CA VAL F 49 9.61 -2.69 18.94
C VAL F 49 10.85 -2.36 18.13
N THR F 50 10.86 -2.64 16.83
CA THR F 50 11.97 -2.17 16.01
C THR F 50 12.08 -0.65 16.02
N TYR F 51 10.95 0.06 15.90
CA TYR F 51 11.00 1.51 16.04
C TYR F 51 11.51 1.95 17.41
N THR F 52 11.05 1.30 18.47
CA THR F 52 11.47 1.66 19.82
C THR F 52 12.97 1.46 19.99
N GLU F 53 13.49 0.32 19.52
CA GLU F 53 14.92 0.06 19.62
C GLU F 53 15.74 1.05 18.79
N HIS F 54 15.25 1.42 17.60
CA HIS F 54 15.96 2.43 16.83
C HIS F 54 15.98 3.76 17.56
N ALA F 55 14.88 4.13 18.21
CA ALA F 55 14.82 5.40 18.94
C ALA F 55 15.62 5.37 20.24
N LYS F 56 16.28 4.26 20.56
CA LYS F 56 17.03 4.11 21.81
C LYS F 56 16.13 4.35 23.03
N ARG F 57 14.93 3.81 22.98
CA ARG F 57 13.96 3.92 24.06
C ARG F 57 13.68 2.54 24.65
N LYS F 58 13.13 2.54 25.86
CA LYS F 58 12.75 1.31 26.54
C LYS F 58 11.25 1.12 26.66
N THR F 59 10.44 2.14 26.42
CA THR F 59 8.99 2.03 26.46
C THR F 59 8.42 2.19 25.06
N VAL F 60 7.61 1.23 24.65
CA VAL F 60 6.92 1.31 23.36
C VAL F 60 5.80 2.33 23.48
N THR F 61 5.76 3.27 22.54
CA THR F 61 4.84 4.39 22.61
C THR F 61 3.72 4.25 21.59
N ALA F 62 2.64 5.01 21.83
CA ALA F 62 1.50 5.01 20.91
C ALA F 62 1.91 5.48 19.52
N MET F 63 2.88 6.39 19.43
CA MET F 63 3.34 6.84 18.13
C MET F 63 4.12 5.74 17.42
N ASP F 64 4.90 4.96 18.15
CA ASP F 64 5.54 3.78 17.57
C ASP F 64 4.50 2.81 17.03
N VAL F 65 3.43 2.58 17.80
CA VAL F 65 2.37 1.68 17.34
C VAL F 65 1.70 2.23 16.09
N VAL F 66 1.47 3.55 16.06
CA VAL F 66 0.86 4.19 14.90
C VAL F 66 1.73 4.02 13.66
N TYR F 67 3.04 4.23 13.79
CA TYR F 67 3.94 4.02 12.66
C TYR F 67 3.94 2.56 12.22
N ALA F 68 3.94 1.62 13.17
CA ALA F 68 3.89 0.21 12.82
C ALA F 68 2.63 -0.13 12.04
N LEU F 69 1.50 0.45 12.44
CA LEU F 69 0.24 0.20 11.75
C LEU F 69 0.23 0.85 10.37
N LYS F 70 0.78 2.06 10.26
CA LYS F 70 0.84 2.73 8.97
C LYS F 70 1.72 1.97 7.99
N ARG F 71 2.77 1.31 8.50
CA ARG F 71 3.67 0.55 7.64
C ARG F 71 2.99 -0.66 7.01
N GLN F 72 1.81 -1.06 7.49
CA GLN F 72 1.08 -2.20 6.93
C GLN F 72 -0.17 -1.77 6.17
N GLY F 73 -0.29 -0.48 5.86
CA GLY F 73 -1.51 0.02 5.24
C GLY F 73 -2.70 -0.06 6.17
N ARG F 74 -2.49 0.20 7.46
CA ARG F 74 -3.52 0.12 8.48
C ARG F 74 -3.52 1.40 9.33
N THR F 75 -3.53 2.55 8.66
CA THR F 75 -3.44 3.83 9.35
C THR F 75 -4.56 3.96 10.37
N LEU F 76 -4.21 4.46 11.55
CA LEU F 76 -5.11 4.55 12.68
C LEU F 76 -5.14 5.99 13.18
N TYR F 77 -6.34 6.53 13.37
CA TYR F 77 -6.55 7.91 13.78
C TYR F 77 -6.88 7.96 15.26
N GLY F 78 -6.61 9.11 15.89
CA GLY F 78 -7.01 9.35 17.27
C GLY F 78 -5.90 9.17 18.29
N PHE F 79 -4.77 8.58 17.92
CA PHE F 79 -3.67 8.37 18.86
C PHE F 79 -2.44 9.18 18.50
N GLY F 80 -2.56 10.17 17.63
CA GLY F 80 -1.45 10.98 17.18
C GLY F 80 -1.18 10.77 15.70
N GLY F 81 -0.24 11.56 15.20
CA GLY F 81 0.14 11.49 13.81
C GLY F 81 -0.14 12.78 13.05
N LYS G 4 42.17 5.04 -4.06
CA LYS G 4 41.40 3.80 -4.17
C LYS G 4 39.91 4.09 -4.12
N SER G 5 39.14 3.39 -4.96
CA SER G 5 37.70 3.55 -4.98
C SER G 5 37.10 3.09 -3.66
N ARG G 6 36.03 3.77 -3.24
CA ARG G 6 35.40 3.47 -1.95
C ARG G 6 34.88 2.04 -1.88
N SER G 7 34.52 1.44 -3.01
CA SER G 7 34.08 0.05 -3.01
C SER G 7 35.21 -0.87 -2.60
N SER G 8 36.41 -0.64 -3.13
CA SER G 8 37.57 -1.50 -2.86
C SER G 8 38.36 -0.98 -1.65
N ARG G 9 37.63 -0.73 -0.57
CA ARG G 9 38.24 -0.51 0.74
C ARG G 9 37.50 -1.40 1.74
N ALA G 10 36.28 -1.80 1.37
CA ALA G 10 35.52 -2.76 2.13
C ALA G 10 35.12 -3.97 1.31
N GLY G 11 35.49 -4.03 0.03
CA GLY G 11 35.27 -5.22 -0.76
C GLY G 11 33.83 -5.41 -1.21
N LEU G 12 33.32 -4.46 -1.99
CA LEU G 12 31.98 -4.57 -2.57
C LEU G 12 32.06 -4.36 -4.06
N GLN G 13 31.16 -5.03 -4.79
CA GLN G 13 31.05 -4.85 -6.23
C GLN G 13 30.14 -3.70 -6.62
N PHE G 14 29.18 -3.36 -5.78
CA PHE G 14 28.25 -2.27 -6.05
C PHE G 14 28.92 -0.93 -5.77
N PRO G 15 28.52 0.14 -6.49
CA PRO G 15 29.25 1.40 -6.39
C PRO G 15 28.87 2.22 -5.16
N VAL G 16 29.80 2.29 -4.20
CA VAL G 16 29.56 3.08 -2.99
C VAL G 16 29.39 4.55 -3.35
N GLY G 17 30.23 5.06 -4.25
CA GLY G 17 30.12 6.46 -4.65
C GLY G 17 28.80 6.77 -5.35
N ARG G 18 28.38 5.89 -6.25
CA ARG G 18 27.11 6.12 -6.94
C ARG G 18 25.93 6.04 -5.98
N VAL G 19 25.96 5.10 -5.02
CA VAL G 19 24.88 5.03 -4.04
C VAL G 19 24.89 6.28 -3.16
N HIS G 20 26.07 6.78 -2.80
CA HIS G 20 26.17 8.01 -2.02
C HIS G 20 25.56 9.18 -2.76
N ARG G 21 25.88 9.32 -4.05
CA ARG G 21 25.32 10.41 -4.84
C ARG G 21 23.81 10.24 -5.00
N LEU G 22 23.34 9.00 -5.17
CA LEU G 22 21.91 8.77 -5.29
C LEU G 22 21.18 9.14 -4.01
N LEU G 23 21.73 8.79 -2.85
CA LEU G 23 21.14 9.19 -1.58
C LEU G 23 21.16 10.71 -1.38
N ARG G 24 22.26 11.37 -1.73
CA ARG G 24 22.33 12.82 -1.56
C ARG G 24 21.36 13.54 -2.49
N LYS G 25 21.18 13.04 -3.71
CA LYS G 25 20.31 13.68 -4.68
C LYS G 25 18.86 13.19 -4.60
N GLY G 26 18.57 12.22 -3.75
CA GLY G 26 17.27 11.59 -3.73
C GLY G 26 16.23 12.22 -2.84
N ASN G 27 16.52 13.36 -2.21
CA ASN G 27 15.60 14.04 -1.32
C ASN G 27 15.13 13.12 -0.19
N TYR G 28 16.08 12.59 0.58
CA TYR G 28 15.78 11.71 1.70
C TYR G 28 16.06 12.36 3.04
N ALA G 29 17.14 13.13 3.15
CA ALA G 29 17.45 13.87 4.36
C ALA G 29 18.36 15.02 3.96
N GLU G 30 18.49 16.00 4.87
CA GLU G 30 19.36 17.14 4.61
C GLU G 30 20.82 16.73 4.52
N ARG G 31 21.20 15.60 5.14
CA ARG G 31 22.57 15.11 5.11
C ARG G 31 22.54 13.59 4.99
N VAL G 32 23.63 13.04 4.45
CA VAL G 32 23.82 11.60 4.33
C VAL G 32 25.16 11.26 4.94
N GLY G 33 25.18 10.25 5.81
CA GLY G 33 26.39 9.86 6.48
C GLY G 33 27.44 9.27 5.56
N ALA G 34 28.54 8.76 6.14
CA ALA G 34 29.62 8.18 5.36
C ALA G 34 29.57 6.66 5.30
N GLY G 35 28.77 6.02 6.14
CA GLY G 35 28.65 4.58 6.11
C GLY G 35 27.32 4.13 5.54
N ALA G 36 26.41 5.08 5.35
CA ALA G 36 25.12 4.74 4.75
C ALA G 36 25.25 4.20 3.33
N PRO G 37 26.00 4.85 2.41
CA PRO G 37 26.17 4.24 1.08
C PRO G 37 26.82 2.88 1.11
N VAL G 38 27.79 2.68 2.01
CA VAL G 38 28.45 1.38 2.12
C VAL G 38 27.45 0.32 2.55
N TYR G 39 26.64 0.63 3.57
CA TYR G 39 25.65 -0.33 4.06
C TYR G 39 24.62 -0.65 3.00
N MET G 40 24.11 0.37 2.30
CA MET G 40 23.12 0.13 1.27
C MET G 40 23.69 -0.65 0.10
N ALA G 41 24.94 -0.36 -0.29
CA ALA G 41 25.59 -1.12 -1.34
C ALA G 41 25.76 -2.58 -0.94
N ALA G 42 26.16 -2.84 0.30
CA ALA G 42 26.26 -4.22 0.76
C ALA G 42 24.92 -4.95 0.75
N VAL G 43 23.85 -4.29 1.21
CA VAL G 43 22.54 -4.92 1.22
C VAL G 43 22.07 -5.23 -0.20
N LEU G 44 22.23 -4.25 -1.11
CA LEU G 44 21.84 -4.47 -2.50
C LEU G 44 22.64 -5.58 -3.14
N GLU G 45 23.96 -5.62 -2.88
CA GLU G 45 24.81 -6.67 -3.42
C GLU G 45 24.37 -8.04 -2.93
N TYR G 46 24.07 -8.15 -1.63
CA TYR G 46 23.64 -9.43 -1.08
C TYR G 46 22.33 -9.88 -1.71
N LEU G 47 21.36 -8.97 -1.81
CA LEU G 47 20.07 -9.36 -2.39
C LEU G 47 20.20 -9.76 -3.85
N THR G 48 20.98 -9.01 -4.63
CA THR G 48 21.19 -9.35 -6.03
C THR G 48 21.90 -10.69 -6.15
N ALA G 49 22.90 -10.94 -5.31
CA ALA G 49 23.61 -12.22 -5.34
C ALA G 49 22.68 -13.38 -5.03
N GLU G 50 21.83 -13.23 -4.01
CA GLU G 50 20.90 -14.31 -3.67
C GLU G 50 19.93 -14.59 -4.80
N ILE G 51 19.34 -13.53 -5.36
CA ILE G 51 18.36 -13.73 -6.44
C ILE G 51 19.02 -14.34 -7.65
N LEU G 52 20.22 -13.86 -8.01
CA LEU G 52 20.95 -14.41 -9.14
C LEU G 52 21.34 -15.87 -8.93
N GLU G 53 21.75 -16.24 -7.71
CA GLU G 53 22.10 -17.64 -7.45
C GLU G 53 20.88 -18.53 -7.61
N LEU G 54 19.74 -18.12 -7.06
CA LEU G 54 18.54 -18.95 -7.20
C LEU G 54 18.07 -19.02 -8.65
N ALA G 55 18.16 -17.90 -9.38
CA ALA G 55 17.79 -17.90 -10.79
C ALA G 55 18.72 -18.78 -11.61
N GLY G 56 20.02 -18.78 -11.28
CA GLY G 56 20.94 -19.67 -11.95
C GLY G 56 20.65 -21.13 -11.66
N ASN G 57 20.26 -21.45 -10.42
CA ASN G 57 19.83 -22.81 -10.12
C ASN G 57 18.61 -23.19 -10.95
N ALA G 58 17.63 -22.29 -11.05
CA ALA G 58 16.45 -22.55 -11.88
C ALA G 58 16.81 -22.73 -13.35
N ALA G 59 17.72 -21.92 -13.88
CA ALA G 59 18.15 -22.05 -15.27
C ALA G 59 18.88 -23.37 -15.51
N ARG G 60 19.71 -23.79 -14.54
CA ARG G 60 20.37 -25.08 -14.65
C ARG G 60 19.36 -26.21 -14.65
N ASP G 61 18.29 -26.08 -13.87
CA ASP G 61 17.24 -27.09 -13.87
C ASP G 61 16.52 -27.18 -15.20
N ASN G 62 16.57 -26.13 -16.02
CA ASN G 62 15.94 -26.12 -17.33
C ASN G 62 16.93 -26.31 -18.48
N LYS G 63 18.08 -26.94 -18.19
CA LYS G 63 19.14 -27.17 -19.19
C LYS G 63 19.43 -25.93 -20.02
N LYS G 64 19.54 -24.78 -19.37
CA LYS G 64 19.86 -23.54 -20.06
C LYS G 64 21.08 -22.87 -19.42
N THR G 65 21.82 -22.15 -20.25
CA THR G 65 23.00 -21.40 -19.83
C THR G 65 22.74 -19.90 -19.79
N ARG G 66 21.48 -19.48 -19.82
CA ARG G 66 21.13 -18.06 -19.83
C ARG G 66 20.02 -17.81 -18.82
N ILE G 67 20.12 -16.66 -18.14
CA ILE G 67 19.09 -16.25 -17.19
C ILE G 67 18.00 -15.51 -17.95
N ILE G 68 16.76 -15.94 -17.77
CA ILE G 68 15.63 -15.32 -18.46
C ILE G 68 14.54 -14.99 -17.45
N PRO G 69 13.61 -14.08 -17.80
CA PRO G 69 12.53 -13.73 -16.87
C PRO G 69 11.78 -14.92 -16.31
N ARG G 70 11.66 -16.00 -17.09
CA ARG G 70 11.03 -17.21 -16.58
C ARG G 70 11.82 -17.77 -15.40
N HIS G 71 13.15 -17.82 -15.53
CA HIS G 71 13.98 -18.30 -14.43
C HIS G 71 13.91 -17.37 -13.23
N LEU G 72 13.92 -16.05 -13.48
CA LEU G 72 13.80 -15.11 -12.36
C LEU G 72 12.48 -15.28 -11.62
N GLN G 73 11.38 -15.41 -12.35
CA GLN G 73 10.08 -15.62 -11.73
C GLN G 73 10.02 -16.95 -10.99
N LEU G 74 10.62 -18.00 -11.57
CA LEU G 74 10.65 -19.29 -10.88
C LEU G 74 11.39 -19.19 -9.55
N ALA G 75 12.55 -18.54 -9.56
CA ALA G 75 13.31 -18.39 -8.31
C ALA G 75 12.53 -17.58 -7.29
N ILE G 76 11.93 -16.46 -7.73
CA ILE G 76 11.21 -15.59 -6.81
C ILE G 76 10.02 -16.32 -6.20
N ARG G 77 9.24 -17.03 -7.03
CA ARG G 77 8.05 -17.70 -6.54
C ARG G 77 8.39 -18.94 -5.72
N ASN G 78 9.54 -19.56 -5.97
CA ASN G 78 9.92 -20.74 -5.21
C ASN G 78 10.45 -20.34 -3.84
N ASP G 79 11.41 -19.42 -3.79
CA ASP G 79 11.94 -18.99 -2.50
C ASP G 79 10.86 -18.25 -1.71
N GLU G 80 10.67 -18.67 -0.45
CA GLU G 80 9.59 -18.12 0.37
C GLU G 80 9.85 -16.67 0.75
N GLU G 81 11.06 -16.36 1.22
CA GLU G 81 11.36 -14.99 1.62
C GLU G 81 11.34 -14.03 0.43
N LEU G 82 11.86 -14.46 -0.72
CA LEU G 82 11.75 -13.65 -1.92
C LEU G 82 10.31 -13.51 -2.37
N ASN G 83 9.50 -14.57 -2.19
CA ASN G 83 8.08 -14.46 -2.50
C ASN G 83 7.41 -13.44 -1.60
N LYS G 84 7.83 -13.37 -0.34
CA LYS G 84 7.28 -12.37 0.58
C LYS G 84 7.69 -10.96 0.16
N LEU G 85 8.98 -10.76 -0.09
CA LEU G 85 9.47 -9.42 -0.43
C LEU G 85 8.89 -8.93 -1.75
N LEU G 86 9.02 -9.72 -2.81
CA LEU G 86 8.44 -9.39 -4.10
C LEU G 86 7.12 -10.13 -4.31
N GLY G 87 6.15 -9.82 -3.45
CA GLY G 87 4.87 -10.48 -3.50
C GLY G 87 3.85 -9.72 -4.32
N LYS G 88 4.02 -8.41 -4.42
CA LYS G 88 3.11 -7.58 -5.21
C LYS G 88 3.86 -7.03 -6.42
N VAL G 89 4.74 -7.85 -7.00
CA VAL G 89 5.60 -7.44 -8.11
C VAL G 89 5.33 -8.36 -9.28
N THR G 90 5.11 -7.78 -10.46
CA THR G 90 4.89 -8.54 -11.68
C THR G 90 6.18 -8.56 -12.49
N ILE G 91 6.56 -9.75 -12.96
CA ILE G 91 7.73 -9.91 -13.82
C ILE G 91 7.26 -10.02 -15.26
N ALA G 92 7.87 -9.23 -16.14
CA ALA G 92 7.48 -9.21 -17.54
C ALA G 92 7.91 -10.50 -18.23
N GLN G 93 6.97 -11.14 -18.91
CA GLN G 93 7.20 -12.40 -19.62
C GLN G 93 7.80 -13.45 -18.70
N GLY G 94 7.29 -13.51 -17.47
CA GLY G 94 7.83 -14.41 -16.47
C GLY G 94 7.01 -15.67 -16.29
N GLY G 95 5.94 -15.81 -17.07
CA GLY G 95 5.08 -16.97 -16.99
C GLY G 95 4.14 -16.93 -15.80
N ARG H 2 25.17 8.35 -21.20
CA ARG H 2 25.20 8.91 -19.86
C ARG H 2 24.10 8.32 -18.99
N LYS H 3 23.32 7.41 -19.57
CA LYS H 3 22.26 6.73 -18.84
C LYS H 3 22.88 5.58 -18.06
N GLU H 4 23.07 5.77 -16.76
CA GLU H 4 23.72 4.81 -15.91
C GLU H 4 22.76 3.68 -15.53
N SER H 5 23.34 2.58 -15.04
CA SER H 5 22.59 1.44 -14.55
C SER H 5 23.55 0.59 -13.73
N TYR H 6 22.99 -0.41 -13.05
CA TYR H 6 23.79 -1.38 -12.30
C TYR H 6 24.22 -2.56 -13.17
N SER H 7 23.99 -2.47 -14.48
CA SER H 7 24.32 -3.57 -15.38
C SER H 7 25.80 -3.93 -15.35
N VAL H 8 26.66 -2.97 -15.05
CA VAL H 8 28.07 -3.28 -14.92
C VAL H 8 28.34 -4.09 -13.66
N TYR H 9 27.75 -3.69 -12.53
CA TYR H 9 28.03 -4.31 -11.23
C TYR H 9 27.23 -5.59 -11.00
N VAL H 10 26.03 -5.69 -11.56
CA VAL H 10 25.27 -6.94 -11.47
C VAL H 10 26.03 -8.06 -12.18
N TYR H 11 26.69 -7.75 -13.29
CA TYR H 11 27.45 -8.76 -14.02
C TYR H 11 28.58 -9.32 -13.17
N LYS H 12 29.28 -8.46 -12.44
CA LYS H 12 30.40 -8.93 -11.62
C LYS H 12 29.96 -9.82 -10.47
N VAL H 13 28.71 -9.71 -10.02
CA VAL H 13 28.20 -10.62 -8.98
C VAL H 13 27.68 -11.92 -9.58
N LEU H 14 27.24 -11.93 -10.84
CA LEU H 14 26.85 -13.18 -11.48
C LEU H 14 28.07 -14.07 -11.71
N LYS H 15 29.22 -13.46 -12.02
CA LYS H 15 30.45 -14.22 -12.25
C LYS H 15 31.08 -14.69 -10.95
N GLN H 16 30.45 -14.46 -9.80
CA GLN H 16 30.92 -14.96 -8.53
C GLN H 16 30.07 -16.08 -7.96
N VAL H 17 28.82 -16.21 -8.39
CA VAL H 17 27.94 -17.27 -7.94
C VAL H 17 27.67 -18.29 -9.04
N HIS H 18 27.53 -17.83 -10.28
CA HIS H 18 27.34 -18.70 -11.44
C HIS H 18 28.28 -18.25 -12.55
N PRO H 19 29.58 -18.57 -12.43
CA PRO H 19 30.56 -18.04 -13.38
C PRO H 19 30.32 -18.46 -14.82
N ASP H 20 29.68 -19.62 -15.03
CA ASP H 20 29.45 -20.15 -16.36
C ASP H 20 28.08 -19.80 -16.93
N THR H 21 27.24 -19.08 -16.19
CA THR H 21 25.90 -18.77 -16.64
C THR H 21 25.80 -17.30 -17.04
N GLY H 22 25.30 -17.05 -18.24
CA GLY H 22 25.06 -15.70 -18.71
C GLY H 22 23.69 -15.19 -18.33
N ILE H 23 23.43 -13.95 -18.72
CA ILE H 23 22.16 -13.29 -18.42
C ILE H 23 21.65 -12.59 -19.68
N SER H 24 20.36 -12.72 -19.95
CA SER H 24 19.78 -12.14 -21.14
C SER H 24 19.71 -10.61 -21.02
N SER H 25 19.37 -9.96 -22.14
CA SER H 25 19.17 -8.52 -22.10
C SER H 25 17.87 -8.13 -21.40
N LYS H 26 16.81 -8.91 -21.59
CA LYS H 26 15.54 -8.64 -20.93
C LYS H 26 15.62 -8.91 -19.44
N ALA H 27 16.22 -10.04 -19.06
CA ALA H 27 16.36 -10.40 -17.65
C ALA H 27 17.28 -9.43 -16.91
N MET H 28 18.30 -8.92 -17.59
CA MET H 28 19.22 -7.97 -16.97
C MET H 28 18.55 -6.63 -16.71
N GLY H 29 17.56 -6.25 -17.53
CA GLY H 29 16.79 -5.06 -17.23
C GLY H 29 15.82 -5.26 -16.08
N ILE H 30 15.34 -6.48 -15.89
CA ILE H 30 14.55 -6.81 -14.71
C ILE H 30 15.40 -6.68 -13.46
N MET H 31 16.66 -7.10 -13.54
CA MET H 31 17.60 -6.90 -12.44
C MET H 31 17.77 -5.44 -12.07
N ASN H 32 17.76 -4.53 -13.04
CA ASN H 32 17.87 -3.11 -12.74
C ASN H 32 16.60 -2.56 -12.11
N SER H 33 15.43 -3.01 -12.58
CA SER H 33 14.18 -2.61 -11.93
C SER H 33 14.05 -3.15 -10.53
N PHE H 34 14.72 -4.27 -10.23
CA PHE H 34 14.71 -4.82 -8.87
C PHE H 34 15.60 -4.01 -7.94
N VAL H 35 16.83 -3.73 -8.38
CA VAL H 35 17.75 -2.95 -7.56
C VAL H 35 17.22 -1.54 -7.35
N ASN H 36 16.67 -0.92 -8.40
CA ASN H 36 16.11 0.40 -8.26
C ASN H 36 14.87 0.40 -7.38
N ASP H 37 14.25 -0.75 -7.16
CA ASP H 37 13.08 -0.83 -6.31
C ASP H 37 13.47 -0.96 -4.84
N ILE H 38 14.38 -1.88 -4.54
CA ILE H 38 14.77 -2.11 -3.16
C ILE H 38 15.53 -0.92 -2.60
N PHE H 39 16.35 -0.27 -3.43
CA PHE H 39 17.07 0.92 -2.98
C PHE H 39 16.10 2.02 -2.56
N GLU H 40 15.05 2.24 -3.36
CA GLU H 40 14.04 3.23 -3.00
C GLU H 40 13.22 2.81 -1.80
N ARG H 41 13.06 1.50 -1.58
CA ARG H 41 12.36 1.02 -0.39
C ARG H 41 13.15 1.31 0.88
N ILE H 42 14.44 0.95 0.87
CA ILE H 42 15.27 1.18 2.05
C ILE H 42 15.52 2.67 2.28
N ALA H 43 15.71 3.46 1.22
CA ALA H 43 15.91 4.88 1.36
C ALA H 43 14.64 5.65 1.68
N GLY H 44 13.47 5.07 1.40
CA GLY H 44 12.22 5.67 1.79
C GLY H 44 11.77 5.36 3.19
N GLU H 45 12.34 4.32 3.80
CA GLU H 45 12.08 4.00 5.20
C GLU H 45 13.13 4.62 6.10
N ALA H 46 14.39 4.67 5.65
CA ALA H 46 15.42 5.37 6.40
C ALA H 46 15.17 6.88 6.42
N SER H 47 14.50 7.42 5.40
CA SER H 47 14.14 8.83 5.42
C SER H 47 12.95 9.09 6.34
N ARG H 48 12.21 8.05 6.70
CA ARG H 48 11.12 8.20 7.66
C ARG H 48 11.63 8.06 9.09
N LEU H 49 12.56 7.15 9.32
CA LEU H 49 13.15 7.01 10.65
C LEU H 49 13.91 8.27 11.05
N ALA H 50 14.54 8.95 10.10
CA ALA H 50 15.21 10.21 10.39
C ALA H 50 14.21 11.30 10.74
N HIS H 51 13.03 11.28 10.10
CA HIS H 51 12.03 12.30 10.36
C HIS H 51 11.35 12.07 11.71
N TYR H 52 11.08 10.81 12.04
CA TYR H 52 10.39 10.51 13.31
C TYR H 52 11.24 10.93 14.50
N ASN H 53 12.54 10.68 14.44
CA ASN H 53 13.46 11.04 15.51
C ASN H 53 14.06 12.43 15.35
N LYS H 54 13.57 13.20 14.37
CA LYS H 54 14.03 14.56 14.13
C LYS H 54 15.53 14.62 13.87
N ARG H 55 16.04 13.66 13.10
CA ARG H 55 17.43 13.64 12.69
C ARG H 55 17.55 14.03 11.22
N SER H 56 18.60 14.79 10.91
CA SER H 56 18.83 15.30 9.57
C SER H 56 19.90 14.51 8.82
N THR H 57 20.32 13.36 9.34
CA THR H 57 21.37 12.55 8.72
C THR H 57 20.91 11.11 8.61
N ILE H 58 21.09 10.52 7.44
CA ILE H 58 20.86 9.09 7.23
C ILE H 58 22.20 8.39 7.43
N THR H 59 22.37 7.73 8.56
CA THR H 59 23.56 6.99 8.88
C THR H 59 23.32 5.49 8.65
N SER H 60 24.37 4.70 8.89
CA SER H 60 24.24 3.25 8.77
C SER H 60 23.23 2.68 9.77
N ARG H 61 22.99 3.39 10.89
CA ARG H 61 22.00 2.95 11.85
C ARG H 61 20.58 3.05 11.30
N GLU H 62 20.29 4.09 10.51
CA GLU H 62 18.98 4.22 9.90
C GLU H 62 18.79 3.22 8.76
N ILE H 63 19.85 2.97 7.98
CA ILE H 63 19.77 1.96 6.92
C ILE H 63 19.61 0.57 7.52
N GLN H 64 20.24 0.32 8.67
CA GLN H 64 20.08 -0.97 9.34
C GLN H 64 18.64 -1.19 9.76
N THR H 65 18.00 -0.17 10.33
CA THR H 65 16.61 -0.32 10.77
C THR H 65 15.68 -0.43 9.57
N ALA H 66 15.94 0.33 8.50
CA ALA H 66 15.12 0.23 7.30
C ALA H 66 15.20 -1.15 6.67
N VAL H 67 16.38 -1.76 6.68
CA VAL H 67 16.51 -3.14 6.20
C VAL H 67 15.71 -4.08 7.10
N ARG H 68 15.78 -3.87 8.41
CA ARG H 68 15.09 -4.75 9.34
C ARG H 68 13.57 -4.66 9.19
N LEU H 69 13.05 -3.48 8.86
CA LEU H 69 11.61 -3.30 8.76
C LEU H 69 11.03 -3.84 7.45
N LEU H 70 11.80 -3.86 6.37
CA LEU H 70 11.30 -4.27 5.07
C LEU H 70 11.57 -5.72 4.73
N LEU H 71 12.80 -6.18 4.91
CA LEU H 71 13.11 -7.53 4.49
C LEU H 71 12.51 -8.56 5.45
N PRO H 72 12.16 -9.75 4.94
CA PRO H 72 11.61 -10.79 5.80
C PRO H 72 12.65 -11.36 6.77
N GLY H 73 12.25 -12.38 7.52
CA GLY H 73 13.06 -12.95 8.58
C GLY H 73 14.50 -13.28 8.26
N GLU H 74 14.71 -14.28 7.40
CA GLU H 74 16.06 -14.75 7.12
C GLU H 74 16.85 -13.80 6.22
N LEU H 75 16.19 -13.07 5.33
CA LEU H 75 16.89 -12.10 4.50
C LEU H 75 17.44 -10.95 5.33
N ALA H 76 16.67 -10.47 6.31
CA ALA H 76 17.13 -9.37 7.15
C ALA H 76 18.30 -9.76 8.05
N LYS H 77 18.36 -11.02 8.48
CA LYS H 77 19.49 -11.47 9.30
C LYS H 77 20.79 -11.49 8.51
N HIS H 78 20.73 -11.84 7.22
CA HIS H 78 21.93 -11.91 6.40
C HIS H 78 22.28 -10.58 5.75
N ALA H 79 21.26 -9.79 5.35
CA ALA H 79 21.54 -8.49 4.76
C ALA H 79 22.13 -7.52 5.79
N VAL H 80 21.66 -7.57 7.03
CA VAL H 80 22.23 -6.72 8.07
C VAL H 80 23.68 -7.11 8.33
N SER H 81 23.95 -8.42 8.42
CA SER H 81 25.31 -8.89 8.67
C SER H 81 26.26 -8.51 7.55
N GLU H 82 25.82 -8.59 6.29
CA GLU H 82 26.65 -8.14 5.18
C GLU H 82 26.89 -6.64 5.25
N GLY H 83 25.89 -5.87 5.67
CA GLY H 83 26.06 -4.44 5.77
C GLY H 83 27.05 -4.02 6.84
N THR H 84 26.95 -4.62 8.03
CA THR H 84 27.82 -4.21 9.13
C THR H 84 29.25 -4.73 8.94
N LYS H 85 29.43 -5.79 8.16
CA LYS H 85 30.77 -6.25 7.84
C LYS H 85 31.47 -5.30 6.89
N ALA H 86 30.74 -4.71 5.94
CA ALA H 86 31.34 -3.77 5.01
C ALA H 86 31.70 -2.46 5.71
N VAL H 87 30.80 -1.95 6.55
CA VAL H 87 31.06 -0.68 7.24
C VAL H 87 32.27 -0.82 8.16
N THR H 88 32.35 -1.94 8.89
CA THR H 88 33.50 -2.17 9.75
C THR H 88 34.79 -2.25 8.94
N LYS H 89 34.76 -2.96 7.81
CA LYS H 89 35.93 -3.06 6.96
C LYS H 89 36.27 -1.71 6.31
N TYR H 90 35.24 -0.94 5.94
CA TYR H 90 35.48 0.35 5.31
C TYR H 90 36.14 1.33 6.26
N THR H 91 35.64 1.41 7.49
CA THR H 91 36.23 2.31 8.48
C THR H 91 37.65 1.90 8.82
N SER H 92 37.87 0.59 8.99
CA SER H 92 39.21 0.07 9.28
C SER H 92 39.99 -0.01 7.97
N SER H 93 40.63 1.11 7.64
CA SER H 93 41.40 1.26 6.40
C SER H 93 40.57 0.92 5.17
#